data_4S12
#
_entry.id   4S12
#
_cell.length_a   188.287
_cell.length_b   81.734
_cell.length_c   58.848
_cell.angle_alpha   90.00
_cell.angle_beta   103.21
_cell.angle_gamma   90.00
#
_symmetry.space_group_name_H-M   'C 1 2 1'
#
loop_
_entity.id
_entity.type
_entity.pdbx_description
1 polymer 'N-acetylmuramic acid 6-phosphate etherase'
2 non-polymer 'SULFATE ION'
3 non-polymer DI(HYDROXYETHYL)ETHER
4 water water
#
_entity_poly.entity_id   1
_entity_poly.type   'polypeptide(L)'
_entity_poly.pdbx_seq_one_letter_code
;SNAMKLGALISESRNPDTMDLDTLSTLEMLTRINDEDRKVPEAIRLVIPNIAQAVDLAAKALRDGGRLIYLGAGTSGRLG
VLDASECPPTFGVPHGRVIGLIAGGPGALLKAVEGAEDDVSLGERDLRDLQLTATDMVVGLAASGRTPYVIGALRFARQL
GCPTAAISCNPDSPIAQEALVAISPVVGPEALTGSTRMKSGTAQKLVLNMLSTGAMVKLGKVYQNLMVDVKATNVKLVDR
ACRIVVEATGASRVEAENALSQTEFEVKPAILMILKGVSVEQARLNLQQHNGYLRAAL
;
_entity_poly.pdbx_strand_id   A,B,C
#
loop_
_chem_comp.id
_chem_comp.type
_chem_comp.name
_chem_comp.formula
PEG non-polymer DI(HYDROXYETHYL)ETHER 'C4 H10 O3'
SO4 non-polymer 'SULFATE ION' 'O4 S -2'
#
# COMPACT_ATOMS: atom_id res chain seq x y z
N MET A 4 51.94 17.28 19.89
CA MET A 4 52.39 16.23 20.87
C MET A 4 53.31 15.21 20.21
N LYS A 5 54.15 14.57 21.02
CA LYS A 5 55.03 13.52 20.53
C LYS A 5 54.20 12.23 20.56
N LEU A 6 54.61 11.26 19.76
CA LEU A 6 53.90 9.98 19.66
C LEU A 6 53.61 9.31 20.98
N GLY A 7 54.59 9.31 21.87
CA GLY A 7 54.42 8.63 23.15
C GLY A 7 53.43 9.26 24.08
N ALA A 8 52.94 10.46 23.76
CA ALA A 8 52.00 11.16 24.59
C ALA A 8 50.55 10.99 24.14
N LEU A 9 50.35 10.37 22.98
CA LEU A 9 49.01 10.21 22.43
C LEU A 9 48.18 9.21 23.20
N ILE A 10 46.88 9.45 23.26
CA ILE A 10 45.99 8.50 23.94
C ILE A 10 46.10 7.12 23.26
N SER A 11 46.19 7.09 21.94
CA SER A 11 46.24 5.81 21.22
C SER A 11 47.46 4.98 21.58
N GLU A 12 48.52 5.63 22.08
CA GLU A 12 49.75 4.97 22.49
C GLU A 12 49.87 4.73 23.98
N SER A 13 48.83 5.11 24.73
CA SER A 13 48.86 4.95 26.19
C SER A 13 48.45 3.55 26.64
N ARG A 14 48.90 3.19 27.84
CA ARG A 14 48.58 1.86 28.42
C ARG A 14 47.20 1.90 29.02
N ASN A 15 46.47 0.81 28.85
CA ASN A 15 45.15 0.67 29.39
C ASN A 15 45.28 0.14 30.83
N PRO A 16 44.81 0.91 31.83
CA PRO A 16 44.98 0.49 33.21
C PRO A 16 44.21 -0.75 33.58
N ASP A 17 43.24 -1.16 32.75
CA ASP A 17 42.43 -2.35 33.01
C ASP A 17 42.95 -3.62 32.36
N THR A 18 44.07 -3.53 31.62
CA THR A 18 44.64 -4.70 30.98
C THR A 18 46.13 -4.83 31.24
N MET A 19 46.62 -4.22 32.34
CA MET A 19 48.07 -4.24 32.59
C MET A 19 48.68 -5.63 32.73
N ASP A 20 47.87 -6.62 33.14
CA ASP A 20 48.30 -8.02 33.28
C ASP A 20 47.67 -8.95 32.24
N LEU A 21 47.41 -8.42 31.06
CA LEU A 21 46.73 -9.15 29.99
C LEU A 21 47.28 -10.53 29.76
N ASP A 22 48.61 -10.65 29.75
CA ASP A 22 49.25 -11.95 29.47
C ASP A 22 49.21 -13.00 30.56
N THR A 23 48.77 -12.62 31.76
CA THR A 23 48.64 -13.55 32.90
C THR A 23 47.19 -14.03 33.12
N LEU A 24 46.26 -13.49 32.34
CA LEU A 24 44.84 -13.86 32.50
C LEU A 24 44.48 -15.17 31.80
N SER A 25 43.45 -15.84 32.32
CA SER A 25 42.88 -16.99 31.64
C SER A 25 42.29 -16.53 30.31
N THR A 26 42.11 -17.47 29.38
CA THR A 26 41.55 -17.08 28.09
C THR A 26 40.20 -16.37 28.25
N LEU A 27 39.32 -16.93 29.07
N LEU A 27 39.36 -16.91 29.13
CA LEU A 27 38.01 -16.32 29.27
CA LEU A 27 38.06 -16.31 29.37
C LEU A 27 38.12 -14.88 29.75
C LEU A 27 38.16 -14.91 29.97
N GLU A 28 38.93 -14.69 30.79
N GLU A 28 39.10 -14.67 30.88
CA GLU A 28 39.16 -13.35 31.37
CA GLU A 28 39.16 -13.31 31.43
C GLU A 28 39.69 -12.37 30.33
C GLU A 28 39.77 -12.33 30.41
N MET A 29 40.71 -12.79 29.60
CA MET A 29 41.31 -11.94 28.58
C MET A 29 40.27 -11.51 27.55
N LEU A 30 39.43 -12.45 27.12
CA LEU A 30 38.43 -12.11 26.14
C LEU A 30 37.39 -11.17 26.72
N THR A 31 37.04 -11.32 27.99
CA THR A 31 36.12 -10.43 28.60
C THR A 31 36.72 -9.00 28.69
N ARG A 32 38.02 -8.89 28.95
CA ARG A 32 38.67 -7.58 28.95
C ARG A 32 38.58 -6.93 27.58
N ILE A 33 38.81 -7.71 26.53
CA ILE A 33 38.75 -7.16 25.16
C ILE A 33 37.33 -6.71 24.85
N ASN A 34 36.35 -7.54 25.19
CA ASN A 34 34.94 -7.18 24.95
C ASN A 34 34.51 -5.93 25.75
N ASP A 35 35.03 -5.77 26.98
CA ASP A 35 34.75 -4.55 27.77
C ASP A 35 35.22 -3.30 27.02
N GLU A 36 36.36 -3.41 26.34
CA GLU A 36 36.85 -2.29 25.53
C GLU A 36 35.96 -2.06 24.31
N ASP A 37 35.55 -3.15 23.64
CA ASP A 37 34.67 -3.01 22.46
C ASP A 37 33.35 -2.30 22.78
N ARG A 38 32.84 -2.52 23.98
N ARG A 38 32.82 -2.53 23.98
CA ARG A 38 31.62 -1.89 24.46
CA ARG A 38 31.57 -1.89 24.40
C ARG A 38 31.71 -0.37 24.39
C ARG A 38 31.70 -0.36 24.43
N LYS A 39 32.92 0.17 24.48
CA LYS A 39 33.13 1.63 24.48
C LYS A 39 33.00 2.29 23.13
N VAL A 40 33.11 1.52 22.06
CA VAL A 40 33.19 2.10 20.75
C VAL A 40 31.88 2.75 20.24
N PRO A 41 30.75 2.07 20.36
CA PRO A 41 29.52 2.75 19.86
C PRO A 41 29.25 4.07 20.56
N GLU A 42 29.54 4.21 21.86
N GLU A 42 29.59 4.14 21.84
CA GLU A 42 29.31 5.51 22.52
CA GLU A 42 29.42 5.33 22.63
C GLU A 42 30.29 6.57 22.03
C GLU A 42 30.29 6.49 22.12
N ALA A 43 31.53 6.18 21.77
CA ALA A 43 32.49 7.15 21.22
C ALA A 43 32.01 7.71 19.87
N ILE A 44 31.43 6.85 19.05
CA ILE A 44 30.87 7.26 17.76
C ILE A 44 29.63 8.13 17.97
N ARG A 45 28.78 7.79 18.93
CA ARG A 45 27.57 8.58 19.15
C ARG A 45 27.90 10.04 19.41
N LEU A 46 28.98 10.29 20.16
CA LEU A 46 29.36 11.66 20.50
C LEU A 46 29.79 12.51 19.28
N VAL A 47 30.17 11.85 18.19
CA VAL A 47 30.62 12.58 17.02
C VAL A 47 29.63 12.47 15.84
N ILE A 48 28.41 12.02 16.11
CA ILE A 48 27.39 11.97 15.03
C ILE A 48 27.23 13.36 14.31
N PRO A 49 27.22 14.49 15.03
CA PRO A 49 27.05 15.76 14.30
C PRO A 49 28.10 15.99 13.23
N ASN A 50 29.36 15.65 13.52
N ASN A 50 29.35 15.65 13.52
CA ASN A 50 30.43 15.77 12.55
CA ASN A 50 30.42 15.77 12.54
C ASN A 50 30.25 14.78 11.40
C ASN A 50 30.35 14.75 11.42
N ILE A 51 29.88 13.54 11.72
CA ILE A 51 29.65 12.55 10.69
C ILE A 51 28.53 13.04 9.75
N ALA A 52 27.48 13.64 10.32
CA ALA A 52 26.36 14.18 9.52
C ALA A 52 26.88 15.24 8.54
N GLN A 53 27.74 16.14 9.01
N GLN A 53 27.75 16.11 9.03
CA GLN A 53 28.28 17.15 8.13
CA GLN A 53 28.34 17.14 8.22
C GLN A 53 28.99 16.47 6.97
C GLN A 53 29.06 16.52 7.02
N ALA A 54 29.78 15.42 7.26
CA ALA A 54 30.50 14.71 6.23
C ALA A 54 29.56 13.98 5.26
N VAL A 55 28.48 13.38 5.78
CA VAL A 55 27.49 12.70 4.90
C VAL A 55 26.91 13.70 3.92
N ASP A 56 26.53 14.88 4.40
CA ASP A 56 25.93 15.88 3.52
C ASP A 56 26.93 16.36 2.47
N LEU A 57 28.21 16.52 2.83
CA LEU A 57 29.21 16.89 1.82
C LEU A 57 29.44 15.80 0.81
N ALA A 58 29.41 14.55 1.25
CA ALA A 58 29.62 13.41 0.35
C ALA A 58 28.49 13.27 -0.64
N ALA A 59 27.27 13.43 -0.15
CA ALA A 59 26.09 13.35 -1.01
C ALA A 59 26.15 14.46 -2.04
N LYS A 60 26.51 15.67 -1.60
N LYS A 60 26.50 15.69 -1.63
CA LYS A 60 26.67 16.82 -2.50
CA LYS A 60 26.62 16.77 -2.62
C LYS A 60 27.73 16.53 -3.57
C LYS A 60 27.73 16.46 -3.63
N ALA A 61 28.86 15.97 -3.14
CA ALA A 61 29.94 15.60 -4.06
C ALA A 61 29.50 14.58 -5.12
N LEU A 62 28.77 13.54 -4.71
CA LEU A 62 28.35 12.50 -5.64
C LEU A 62 27.21 13.01 -6.55
N ARG A 63 26.33 13.82 -6.00
CA ARG A 63 25.23 14.40 -6.80
C ARG A 63 25.82 15.30 -7.89
N ASP A 64 26.85 16.04 -7.52
CA ASP A 64 27.52 16.98 -8.43
C ASP A 64 28.54 16.35 -9.34
N GLY A 65 28.51 15.02 -9.44
CA GLY A 65 29.35 14.25 -10.35
C GLY A 65 30.74 13.83 -9.91
N GLY A 66 31.04 14.03 -8.64
CA GLY A 66 32.35 13.66 -8.08
C GLY A 66 32.37 12.27 -7.45
N ARG A 67 33.50 11.99 -6.81
CA ARG A 67 33.72 10.73 -6.15
C ARG A 67 33.95 10.90 -4.68
N LEU A 68 33.78 9.79 -3.97
CA LEU A 68 34.09 9.71 -2.53
C LEU A 68 35.34 8.86 -2.44
N ILE A 69 36.42 9.43 -1.92
CA ILE A 69 37.72 8.77 -1.91
C ILE A 69 38.20 8.66 -0.46
N TYR A 70 38.45 7.42 -0.04
CA TYR A 70 39.00 7.11 1.26
C TYR A 70 40.50 6.85 1.08
N LEU A 71 41.29 7.29 2.05
N LEU A 71 41.27 7.22 2.08
CA LEU A 71 42.74 7.11 1.96
CA LEU A 71 42.68 6.94 2.01
C LEU A 71 43.37 6.88 3.35
C LEU A 71 43.25 6.75 3.39
N GLY A 72 44.19 5.84 3.47
CA GLY A 72 44.89 5.55 4.70
C GLY A 72 46.04 4.57 4.47
N ALA A 73 46.85 4.39 5.50
CA ALA A 73 47.92 3.37 5.46
C ALA A 73 47.49 2.19 6.28
N GLY A 74 48.04 1.00 5.99
CA GLY A 74 47.80 -0.17 6.78
C GLY A 74 46.34 -0.47 7.02
N THR A 75 45.97 -0.75 8.28
CA THR A 75 44.60 -1.07 8.67
C THR A 75 43.62 0.00 8.20
N SER A 76 43.95 1.27 8.46
CA SER A 76 43.06 2.37 8.07
C SER A 76 42.77 2.32 6.56
N GLY A 77 43.82 2.12 5.76
CA GLY A 77 43.68 1.97 4.31
C GLY A 77 42.86 0.74 3.90
N ARG A 78 43.07 -0.39 4.56
CA ARG A 78 42.32 -1.60 4.23
C ARG A 78 40.85 -1.41 4.57
N LEU A 79 40.55 -0.70 5.65
CA LEU A 79 39.14 -0.43 6.00
C LEU A 79 38.45 0.47 4.96
N GLY A 80 39.16 1.46 4.43
CA GLY A 80 38.60 2.26 3.38
C GLY A 80 38.28 1.42 2.14
N VAL A 81 39.18 0.52 1.81
CA VAL A 81 38.96 -0.35 0.63
C VAL A 81 37.79 -1.30 0.91
N LEU A 82 37.67 -1.76 2.15
CA LEU A 82 36.57 -2.64 2.58
C LEU A 82 35.24 -1.94 2.34
N ASP A 83 35.11 -0.69 2.78
CA ASP A 83 33.84 0.01 2.61
C ASP A 83 33.56 0.30 1.14
N ALA A 84 34.57 0.78 0.43
CA ALA A 84 34.39 1.09 -0.96
C ALA A 84 34.01 -0.12 -1.83
N SER A 85 34.59 -1.28 -1.51
N SER A 85 34.61 -1.27 -1.55
CA SER A 85 34.35 -2.50 -2.27
CA SER A 85 34.32 -2.48 -2.33
C SER A 85 32.89 -2.94 -2.26
C SER A 85 32.88 -2.94 -2.26
N GLU A 86 32.20 -2.56 -1.19
CA GLU A 86 30.80 -2.96 -0.97
C GLU A 86 29.82 -2.02 -1.66
N CYS A 87 30.28 -0.89 -2.17
CA CYS A 87 29.35 0.07 -2.77
C CYS A 87 28.72 -0.37 -4.08
N PRO A 88 29.50 -0.97 -5.00
CA PRO A 88 28.87 -1.43 -6.24
C PRO A 88 27.80 -2.52 -6.05
N PRO A 89 28.10 -3.58 -5.26
CA PRO A 89 27.02 -4.57 -5.12
C PRO A 89 25.81 -4.08 -4.33
N THR A 90 26.03 -3.17 -3.38
CA THR A 90 24.95 -2.71 -2.48
C THR A 90 24.12 -1.58 -3.09
N PHE A 91 24.79 -0.64 -3.74
CA PHE A 91 24.16 0.59 -4.23
C PHE A 91 24.20 0.75 -5.75
N GLY A 92 24.76 -0.23 -6.45
CA GLY A 92 24.78 -0.27 -7.88
C GLY A 92 25.65 0.71 -8.62
N VAL A 93 26.46 1.46 -7.89
CA VAL A 93 27.31 2.44 -8.51
C VAL A 93 28.52 1.80 -9.15
N PRO A 94 29.11 2.45 -10.13
CA PRO A 94 30.33 1.91 -10.73
C PRO A 94 31.46 1.86 -9.74
N HIS A 95 32.40 0.94 -9.90
CA HIS A 95 33.50 0.85 -8.91
C HIS A 95 34.33 2.12 -8.79
N GLY A 96 34.39 2.91 -9.84
CA GLY A 96 35.17 4.18 -9.76
C GLY A 96 34.53 5.33 -9.00
N ARG A 97 33.31 5.13 -8.48
CA ARG A 97 32.57 6.19 -7.79
C ARG A 97 33.02 6.38 -6.34
N VAL A 98 33.26 5.25 -5.67
CA VAL A 98 33.75 5.23 -4.29
C VAL A 98 35.07 4.44 -4.35
N ILE A 99 36.17 5.06 -3.94
CA ILE A 99 37.46 4.48 -4.10
C ILE A 99 38.22 4.49 -2.78
N GLY A 100 38.89 3.39 -2.47
CA GLY A 100 39.77 3.35 -1.33
C GLY A 100 41.21 3.26 -1.81
N LEU A 101 42.04 4.17 -1.30
CA LEU A 101 43.48 4.17 -1.56
C LEU A 101 44.23 3.72 -0.32
N ILE A 102 45.31 2.95 -0.55
CA ILE A 102 46.17 2.47 0.53
C ILE A 102 47.64 2.69 0.20
N ALA A 103 48.37 3.17 1.19
CA ALA A 103 49.80 3.41 1.02
C ALA A 103 50.51 2.11 0.65
N GLY A 104 51.26 2.12 -0.42
CA GLY A 104 51.94 0.92 -0.89
C GLY A 104 51.26 0.24 -2.03
N GLY A 105 50.08 0.70 -2.41
CA GLY A 105 49.39 0.14 -3.57
C GLY A 105 48.71 -1.18 -3.30
N PRO A 106 48.26 -1.88 -4.37
CA PRO A 106 47.52 -3.12 -4.16
C PRO A 106 48.22 -4.20 -3.36
N GLY A 107 49.54 -4.27 -3.42
CA GLY A 107 50.24 -5.28 -2.62
C GLY A 107 49.93 -5.15 -1.14
N ALA A 108 49.73 -3.91 -0.67
CA ALA A 108 49.44 -3.65 0.74
C ALA A 108 48.10 -4.21 1.19
N LEU A 109 47.24 -4.59 0.25
CA LEU A 109 45.96 -5.15 0.63
C LEU A 109 46.16 -6.53 1.20
N LEU A 110 47.18 -7.23 0.70
CA LEU A 110 47.44 -8.59 1.16
C LEU A 110 48.56 -8.76 2.15
N LYS A 111 49.54 -7.87 2.13
CA LYS A 111 50.70 -8.00 3.02
C LYS A 111 51.10 -6.61 3.46
N ALA A 112 51.19 -6.41 4.76
CA ALA A 112 51.55 -5.09 5.28
C ALA A 112 52.94 -4.64 4.81
N VAL A 113 53.04 -3.35 4.50
CA VAL A 113 54.30 -2.70 4.10
C VAL A 113 54.32 -1.41 4.90
N GLU A 114 54.68 -1.53 6.18
CA GLU A 114 54.51 -0.43 7.12
C GLU A 114 55.36 0.80 6.87
N GLY A 115 56.46 0.63 6.15
CA GLY A 115 57.31 1.75 5.82
C GLY A 115 56.70 2.79 4.90
N ALA A 116 55.69 2.39 4.11
CA ALA A 116 55.11 3.31 3.14
C ALA A 116 54.42 4.51 3.74
N GLU A 117 53.93 4.36 4.97
CA GLU A 117 53.14 5.43 5.61
C GLU A 117 53.94 6.69 5.93
N ASP A 118 55.28 6.58 5.94
CA ASP A 118 56.12 7.71 6.30
C ASP A 118 56.35 8.76 5.24
N ASP A 119 55.88 8.51 4.01
CA ASP A 119 56.13 9.45 2.91
C ASP A 119 54.96 10.39 2.68
N VAL A 120 55.11 11.65 3.02
CA VAL A 120 54.07 12.65 2.81
C VAL A 120 53.72 12.80 1.34
N SER A 121 54.71 12.66 0.47
N SER A 121 54.73 12.65 0.48
CA SER A 121 54.48 12.85 -0.96
CA SER A 121 54.53 12.80 -0.97
C SER A 121 53.73 11.71 -1.64
C SER A 121 53.72 11.71 -1.62
N LEU A 122 53.70 10.53 -1.02
CA LEU A 122 53.03 9.40 -1.60
C LEU A 122 51.53 9.60 -1.60
N GLY A 123 50.97 10.24 -0.56
CA GLY A 123 49.53 10.47 -0.49
C GLY A 123 49.10 11.41 -1.62
N GLU A 124 49.87 12.47 -1.81
CA GLU A 124 49.62 13.38 -2.91
C GLU A 124 49.69 12.63 -4.24
N ARG A 125 50.75 11.83 -4.44
CA ARG A 125 50.93 11.07 -5.67
C ARG A 125 49.76 10.17 -5.97
N ASP A 126 49.30 9.45 -4.96
CA ASP A 126 48.14 8.54 -5.18
C ASP A 126 46.86 9.28 -5.63
N LEU A 127 46.62 10.46 -5.08
CA LEU A 127 45.46 11.28 -5.48
C LEU A 127 45.64 11.85 -6.86
N ARG A 128 46.85 12.31 -7.20
CA ARG A 128 47.09 12.83 -8.55
C ARG A 128 46.88 11.73 -9.60
N ASP A 129 47.25 10.50 -9.25
N ASP A 129 47.23 10.49 -9.25
CA ASP A 129 47.09 9.33 -10.12
CA ASP A 129 47.07 9.34 -10.14
C ASP A 129 45.62 8.96 -10.40
C ASP A 129 45.60 9.08 -10.48
N LEU A 130 44.70 9.42 -9.56
CA LEU A 130 43.25 9.26 -9.78
C LEU A 130 42.65 10.50 -10.47
N GLN A 131 43.48 11.47 -10.86
N GLN A 131 43.50 11.46 -10.83
CA GLN A 131 43.02 12.71 -11.47
CA GLN A 131 43.07 12.71 -11.45
C GLN A 131 41.99 13.41 -10.58
C GLN A 131 42.01 13.41 -10.58
N LEU A 132 42.37 13.65 -9.33
CA LEU A 132 41.52 14.30 -8.36
C LEU A 132 41.04 15.64 -8.90
N THR A 133 39.75 15.94 -8.66
CA THR A 133 39.16 17.22 -9.05
C THR A 133 38.55 17.86 -7.81
N ALA A 134 38.31 19.17 -7.88
CA ALA A 134 37.73 19.89 -6.75
C ALA A 134 36.36 19.38 -6.27
N THR A 135 35.63 18.71 -7.15
CA THR A 135 34.32 18.19 -6.78
C THR A 135 34.45 16.94 -5.88
N ASP A 136 35.53 16.18 -6.05
CA ASP A 136 35.70 14.95 -5.28
C ASP A 136 35.87 15.25 -3.80
N MET A 137 35.38 14.33 -2.98
CA MET A 137 35.56 14.43 -1.55
C MET A 137 36.61 13.42 -1.11
N VAL A 138 37.54 13.85 -0.25
CA VAL A 138 38.60 13.01 0.23
C VAL A 138 38.51 12.89 1.75
N VAL A 139 38.51 11.64 2.21
CA VAL A 139 38.45 11.28 3.61
C VAL A 139 39.75 10.59 3.98
N GLY A 140 40.51 11.22 4.87
CA GLY A 140 41.77 10.64 5.31
C GLY A 140 41.55 9.92 6.63
N LEU A 141 42.05 8.70 6.76
CA LEU A 141 41.93 7.88 7.94
C LEU A 141 43.28 7.56 8.58
N ALA A 142 43.41 7.91 9.85
CA ALA A 142 44.61 7.55 10.65
C ALA A 142 44.24 7.54 12.11
N ALA A 143 44.32 6.36 12.73
CA ALA A 143 43.98 6.28 14.16
C ALA A 143 44.80 7.26 14.96
N SER A 144 46.09 7.31 14.66
CA SER A 144 47.03 8.17 15.40
C SER A 144 46.78 9.63 15.14
N GLY A 145 46.17 9.93 14.00
CA GLY A 145 45.94 11.29 13.53
C GLY A 145 47.19 11.97 12.97
N ARG A 146 48.31 11.25 12.84
CA ARG A 146 49.58 11.88 12.43
C ARG A 146 50.34 11.18 11.32
N THR A 147 49.72 10.20 10.67
CA THR A 147 50.42 9.44 9.62
C THR A 147 50.81 10.32 8.44
N PRO A 148 52.11 10.40 8.11
CA PRO A 148 52.52 11.35 7.03
C PRO A 148 51.80 11.15 5.70
N TYR A 149 51.58 9.91 5.28
CA TYR A 149 50.88 9.63 4.01
C TYR A 149 49.55 10.37 3.97
N VAL A 150 48.83 10.32 5.08
CA VAL A 150 47.49 10.95 5.17
C VAL A 150 47.58 12.48 5.23
N ILE A 151 48.53 13.00 6.02
CA ILE A 151 48.75 14.45 6.08
C ILE A 151 49.00 15.01 4.68
N GLY A 152 49.88 14.37 3.93
CA GLY A 152 50.21 14.86 2.57
C GLY A 152 49.03 14.80 1.64
N ALA A 153 48.27 13.71 1.73
CA ALA A 153 47.09 13.55 0.88
C ALA A 153 46.05 14.64 1.16
N LEU A 154 45.74 14.84 2.43
CA LEU A 154 44.77 15.86 2.81
C LEU A 154 45.23 17.27 2.41
N ARG A 155 46.53 17.56 2.56
CA ARG A 155 47.04 18.87 2.14
C ARG A 155 46.82 19.11 0.66
N PHE A 156 47.04 18.08 -0.14
CA PHE A 156 46.87 18.19 -1.57
C PHE A 156 45.39 18.39 -1.91
N ALA A 157 44.51 17.65 -1.26
CA ALA A 157 43.09 17.77 -1.56
C ALA A 157 42.57 19.13 -1.15
N ARG A 158 43.02 19.62 -0.01
CA ARG A 158 42.56 20.91 0.49
C ARG A 158 42.96 22.03 -0.46
N GLN A 159 44.20 22.01 -0.96
CA GLN A 159 44.64 23.07 -1.84
C GLN A 159 43.91 23.09 -3.18
N LEU A 160 43.41 21.95 -3.61
CA LEU A 160 42.65 21.85 -4.85
C LEU A 160 41.21 22.36 -4.67
N GLY A 161 40.76 22.52 -3.44
CA GLY A 161 39.42 23.01 -3.15
C GLY A 161 38.44 21.90 -2.80
N CYS A 162 38.93 20.67 -2.63
CA CYS A 162 38.05 19.55 -2.32
C CYS A 162 37.47 19.62 -0.91
N PRO A 163 36.22 19.17 -0.74
CA PRO A 163 35.75 18.96 0.61
C PRO A 163 36.59 17.82 1.22
N THR A 164 36.94 17.95 2.49
CA THR A 164 37.77 16.94 3.12
C THR A 164 37.29 16.60 4.51
N ALA A 165 37.51 15.34 4.89
CA ALA A 165 37.22 14.91 6.26
C ALA A 165 38.40 14.13 6.76
N ALA A 166 38.58 14.13 8.07
CA ALA A 166 39.65 13.35 8.70
C ALA A 166 39.06 12.51 9.79
N ILE A 167 39.38 11.22 9.79
CA ILE A 167 38.92 10.31 10.84
C ILE A 167 40.12 9.88 11.68
N SER A 168 40.14 10.28 12.94
CA SER A 168 41.24 9.92 13.85
C SER A 168 40.67 9.67 15.21
N CYS A 169 41.47 9.02 16.06
CA CYS A 169 40.98 8.66 17.40
C CYS A 169 41.68 9.43 18.51
N ASN A 170 42.58 10.34 18.14
CA ASN A 170 43.22 11.21 19.10
C ASN A 170 42.65 12.61 18.89
N PRO A 171 42.47 13.36 19.98
CA PRO A 171 41.92 14.72 19.88
C PRO A 171 42.92 15.71 19.26
N ASP A 172 42.42 16.75 18.57
CA ASP A 172 43.25 17.84 18.03
C ASP A 172 44.45 17.37 17.17
N SER A 173 44.24 16.32 16.41
CA SER A 173 45.33 15.73 15.61
C SER A 173 45.74 16.57 14.42
N PRO A 174 46.95 16.33 13.88
CA PRO A 174 47.38 17.00 12.66
C PRO A 174 46.38 16.81 11.53
N ILE A 175 45.86 15.59 11.31
CA ILE A 175 44.93 15.45 10.19
C ILE A 175 43.62 16.16 10.43
N ALA A 176 43.17 16.23 11.68
CA ALA A 176 41.95 16.98 11.98
C ALA A 176 42.17 18.46 11.66
N GLN A 177 43.38 18.98 11.90
N GLN A 177 43.45 18.91 11.71
CA GLN A 177 43.64 20.40 11.62
CA GLN A 177 43.84 20.30 11.37
C GLN A 177 43.60 20.73 10.13
C GLN A 177 43.95 20.61 9.86
N GLU A 178 44.09 19.80 9.30
N GLU A 178 44.08 19.59 9.02
CA GLU A 178 44.13 20.00 7.84
CA GLU A 178 44.15 19.84 7.59
C GLU A 178 42.74 19.95 7.19
C GLU A 178 42.81 19.66 6.95
N ALA A 179 41.86 19.08 7.68
CA ALA A 179 40.54 18.85 7.08
C ALA A 179 39.43 19.82 7.44
N LEU A 180 38.46 19.90 6.53
CA LEU A 180 37.28 20.72 6.72
C LEU A 180 36.42 20.16 7.83
N VAL A 181 36.19 18.83 7.81
CA VAL A 181 35.38 18.18 8.84
C VAL A 181 36.24 17.18 9.61
N ALA A 182 36.29 17.29 10.93
CA ALA A 182 37.06 16.37 11.75
C ALA A 182 36.10 15.45 12.45
N ILE A 183 36.28 14.14 12.26
CA ILE A 183 35.50 13.10 12.94
C ILE A 183 36.48 12.42 13.89
N SER A 184 36.33 12.70 15.19
CA SER A 184 37.34 12.28 16.15
C SER A 184 36.82 11.45 17.33
N PRO A 185 36.36 10.22 17.08
CA PRO A 185 35.84 9.36 18.16
C PRO A 185 36.98 8.92 19.07
N VAL A 186 36.93 9.31 20.33
CA VAL A 186 38.01 8.99 21.28
C VAL A 186 37.64 7.69 22.00
N VAL A 187 38.33 6.63 21.65
CA VAL A 187 37.99 5.30 22.17
C VAL A 187 38.84 4.90 23.37
N GLY A 188 39.90 5.63 23.65
CA GLY A 188 40.79 5.32 24.79
C GLY A 188 41.89 4.35 24.45
N PRO A 189 42.74 4.06 25.45
CA PRO A 189 43.86 3.14 25.23
C PRO A 189 43.40 1.73 24.82
N GLU A 190 44.14 1.13 23.89
CA GLU A 190 43.82 -0.19 23.39
C GLU A 190 44.15 -1.29 24.39
N ALA A 191 43.47 -2.45 24.29
CA ALA A 191 43.71 -3.52 25.25
C ALA A 191 45.16 -3.99 25.20
N LEU A 192 45.72 -4.03 24.00
CA LEU A 192 47.16 -4.25 23.77
C LEU A 192 47.66 -2.87 23.37
N THR A 193 48.61 -2.33 24.15
CA THR A 193 49.06 -0.96 23.99
C THR A 193 49.51 -0.63 22.56
N GLY A 194 48.87 0.39 21.99
CA GLY A 194 49.15 0.82 20.65
C GLY A 194 48.54 0.02 19.52
N SER A 195 47.75 -0.99 19.87
CA SER A 195 47.13 -1.86 18.86
C SER A 195 45.85 -1.23 18.33
N THR A 196 46.05 -0.16 17.56
CA THR A 196 44.95 0.62 17.02
C THR A 196 44.10 -0.09 15.98
N ARG A 197 44.53 -1.28 15.55
CA ARG A 197 43.69 -2.10 14.69
C ARG A 197 42.42 -2.53 15.44
N MET A 198 42.43 -2.45 16.77
CA MET A 198 41.34 -2.93 17.62
C MET A 198 40.22 -1.91 17.74
N LYS A 199 40.07 -1.20 18.86
CA LYS A 199 38.96 -0.25 18.98
C LYS A 199 38.98 0.84 17.93
N SER A 200 40.15 1.41 17.67
CA SER A 200 40.23 2.49 16.69
C SER A 200 39.81 2.04 15.30
N GLY A 201 40.23 0.82 14.94
CA GLY A 201 39.83 0.25 13.65
C GLY A 201 38.35 0.02 13.60
N THR A 202 37.78 -0.49 14.72
CA THR A 202 36.32 -0.69 14.76
C THR A 202 35.63 0.66 14.57
N ALA A 203 36.12 1.69 15.25
CA ALA A 203 35.50 3.01 15.11
C ALA A 203 35.54 3.48 13.66
N GLN A 204 36.69 3.32 13.01
CA GLN A 204 36.84 3.69 11.63
C GLN A 204 35.83 2.97 10.73
N LYS A 205 35.64 1.68 10.95
CA LYS A 205 34.70 0.91 10.18
C LYS A 205 33.29 1.48 10.38
N LEU A 206 32.89 1.72 11.63
CA LEU A 206 31.54 2.24 11.92
C LEU A 206 31.35 3.58 11.20
N VAL A 207 32.34 4.45 11.27
CA VAL A 207 32.22 5.75 10.61
C VAL A 207 32.12 5.59 9.08
N LEU A 208 32.96 4.75 8.47
CA LEU A 208 32.91 4.58 6.99
C LEU A 208 31.53 4.04 6.58
N ASN A 209 31.02 3.05 7.32
CA ASN A 209 29.71 2.48 6.99
C ASN A 209 28.61 3.52 7.10
N MET A 210 28.73 4.40 8.08
CA MET A 210 27.77 5.53 8.25
C MET A 210 27.88 6.52 7.07
N LEU A 211 29.10 6.81 6.64
N LEU A 211 29.11 6.80 6.65
CA LEU A 211 29.33 7.76 5.54
CA LEU A 211 29.35 7.76 5.60
C LEU A 211 28.75 7.24 4.24
C LEU A 211 28.82 7.26 4.24
N SER A 212 29.15 6.03 3.85
CA SER A 212 28.67 5.50 2.55
C SER A 212 27.18 5.22 2.63
N THR A 213 26.69 4.58 3.70
CA THR A 213 25.24 4.29 3.76
C THR A 213 24.42 5.60 3.79
N GLY A 214 24.84 6.53 4.63
CA GLY A 214 24.15 7.81 4.77
C GLY A 214 24.11 8.55 3.44
N ALA A 215 25.23 8.64 2.75
CA ALA A 215 25.26 9.38 1.49
C ALA A 215 24.42 8.69 0.43
N MET A 216 24.54 7.36 0.34
CA MET A 216 23.81 6.65 -0.71
C MET A 216 22.31 6.69 -0.44
N VAL A 217 21.89 6.66 0.82
CA VAL A 217 20.44 6.78 1.10
C VAL A 217 19.96 8.19 0.64
N LYS A 218 20.75 9.22 0.92
CA LYS A 218 20.39 10.58 0.53
C LYS A 218 20.31 10.74 -0.97
N LEU A 219 21.13 9.98 -1.69
CA LEU A 219 21.20 9.97 -3.15
C LEU A 219 20.12 9.12 -3.84
N GLY A 220 19.26 8.50 -3.06
CA GLY A 220 18.14 7.75 -3.64
C GLY A 220 18.43 6.30 -3.97
N LYS A 221 19.51 5.78 -3.39
CA LYS A 221 19.93 4.39 -3.69
C LYS A 221 19.32 3.33 -2.78
N VAL A 222 18.32 3.72 -2.00
CA VAL A 222 17.57 2.85 -1.10
C VAL A 222 16.08 3.24 -1.25
N TYR A 223 15.19 2.39 -0.81
CA TYR A 223 13.76 2.74 -0.77
C TYR A 223 13.29 2.07 0.51
N GLN A 224 12.67 2.84 1.40
CA GLN A 224 12.31 2.39 2.74
C GLN A 224 13.66 1.94 3.32
N ASN A 225 13.73 0.73 3.87
CA ASN A 225 15.01 0.13 4.30
C ASN A 225 15.38 -1.06 3.41
N LEU A 226 15.00 -0.95 2.15
CA LEU A 226 15.25 -2.00 1.16
C LEU A 226 16.36 -1.60 0.17
N MET A 227 17.19 -2.57 -0.18
CA MET A 227 18.36 -2.37 -1.04
C MET A 227 17.95 -2.38 -2.53
N VAL A 228 17.14 -1.38 -2.94
CA VAL A 228 16.60 -1.35 -4.32
C VAL A 228 17.60 -1.16 -5.44
N ASP A 229 18.84 -0.77 -5.13
CA ASP A 229 19.87 -0.61 -6.15
C ASP A 229 20.93 -1.72 -6.09
N VAL A 230 20.60 -2.82 -5.41
CA VAL A 230 21.46 -4.00 -5.41
C VAL A 230 21.85 -4.36 -6.84
N LYS A 231 23.13 -4.75 -7.03
CA LYS A 231 23.65 -5.20 -8.32
C LYS A 231 23.78 -6.71 -8.13
N ALA A 232 22.79 -7.43 -8.62
CA ALA A 232 22.66 -8.86 -8.32
C ALA A 232 23.37 -9.78 -9.32
N THR A 233 24.53 -10.31 -8.90
CA THR A 233 25.37 -11.16 -9.73
C THR A 233 25.68 -12.51 -9.08
N ASN A 234 24.87 -12.92 -8.11
CA ASN A 234 25.00 -14.23 -7.51
C ASN A 234 23.65 -14.71 -7.01
N VAL A 235 23.62 -15.93 -6.49
CA VAL A 235 22.35 -16.51 -6.06
C VAL A 235 21.67 -15.67 -4.97
N LYS A 236 22.42 -15.38 -3.91
CA LYS A 236 21.82 -14.65 -2.79
C LYS A 236 21.28 -13.29 -3.19
N LEU A 237 22.06 -12.53 -3.95
CA LEU A 237 21.66 -11.18 -4.33
C LEU A 237 20.45 -11.16 -5.27
N VAL A 238 20.41 -12.11 -6.22
CA VAL A 238 19.27 -12.15 -7.14
C VAL A 238 18.02 -12.59 -6.38
N ASP A 239 18.17 -13.51 -5.43
CA ASP A 239 17.04 -13.93 -4.61
C ASP A 239 16.55 -12.74 -3.80
N ARG A 240 17.46 -11.96 -3.23
CA ARG A 240 17.10 -10.75 -2.49
C ARG A 240 16.36 -9.76 -3.39
N ALA A 241 16.87 -9.55 -4.61
CA ALA A 241 16.20 -8.67 -5.59
C ALA A 241 14.73 -9.10 -5.80
N CYS A 242 14.49 -10.38 -5.96
CA CYS A 242 13.14 -10.87 -6.11
C CYS A 242 12.30 -10.58 -4.89
N ARG A 243 12.86 -10.84 -3.71
CA ARG A 243 12.13 -10.60 -2.45
C ARG A 243 11.87 -9.14 -2.24
N ILE A 244 12.77 -8.25 -2.68
CA ILE A 244 12.54 -6.82 -2.54
C ILE A 244 11.34 -6.40 -3.38
N VAL A 245 11.29 -6.88 -4.63
CA VAL A 245 10.18 -6.52 -5.48
C VAL A 245 8.86 -6.97 -4.85
N VAL A 246 8.83 -8.18 -4.32
CA VAL A 246 7.59 -8.68 -3.69
C VAL A 246 7.29 -7.82 -2.46
N GLU A 247 8.29 -7.55 -1.63
CA GLU A 247 8.06 -6.73 -0.43
C GLU A 247 7.49 -5.35 -0.73
N ALA A 248 7.94 -4.74 -1.83
N ALA A 248 7.89 -4.75 -1.84
CA ALA A 248 7.61 -3.35 -2.23
CA ALA A 248 7.38 -3.44 -2.18
C ALA A 248 6.36 -3.13 -3.09
C ALA A 248 6.02 -3.49 -2.86
N THR A 249 5.89 -4.18 -3.76
N THR A 249 5.56 -4.68 -3.26
CA THR A 249 4.74 -4.08 -4.66
CA THR A 249 4.36 -4.74 -4.10
C THR A 249 3.53 -4.79 -4.14
C THR A 249 3.27 -5.77 -3.80
N GLY A 250 3.76 -5.83 -3.34
N GLY A 250 3.64 -6.88 -3.19
CA GLY A 250 2.68 -6.69 -2.89
CA GLY A 250 2.68 -7.96 -2.94
C GLY A 250 2.23 -7.61 -3.99
C GLY A 250 2.36 -8.73 -4.22
N ALA A 251 3.08 -7.79 -5.02
N ALA A 251 3.22 -8.60 -5.24
CA ALA A 251 2.76 -8.69 -6.12
CA ALA A 251 3.04 -9.29 -6.54
C ALA A 251 3.51 -10.01 -5.96
C ALA A 251 3.23 -10.80 -6.44
N SER A 252 3.02 -11.04 -6.63
N SER A 252 2.65 -11.52 -7.39
CA SER A 252 3.62 -12.38 -6.61
CA SER A 252 2.82 -12.95 -7.45
C SER A 252 5.09 -12.38 -7.07
C SER A 252 4.26 -13.26 -7.89
N ARG A 253 5.86 -13.28 -6.48
N ARG A 253 4.73 -14.46 -7.60
CA ARG A 253 7.24 -13.41 -6.89
CA ARG A 253 6.08 -14.87 -7.99
C ARG A 253 7.32 -13.77 -8.38
C ARG A 253 6.31 -14.77 -9.50
N VAL A 254 6.31 -14.45 -8.92
N VAL A 254 5.34 -15.22 -10.30
CA VAL A 254 6.29 -14.74 -10.35
CA VAL A 254 5.47 -15.12 -11.76
C VAL A 254 6.26 -13.47 -11.23
C VAL A 254 5.67 -13.67 -12.18
N GLU A 255 5.33 -12.54 -10.95
N GLU A 255 4.95 -12.77 -11.52
CA GLU A 255 5.19 -11.29 -11.71
CA GLU A 255 5.05 -11.31 -11.75
C GLU A 255 6.48 -10.59 -11.43
C GLU A 255 6.45 -10.68 -11.45
N ALA A 256 6.97 -10.79 -10.23
CA ALA A 256 8.23 -10.21 -9.85
C ALA A 256 9.41 -10.74 -10.67
N GLU A 257 9.46 -12.06 -10.82
CA GLU A 257 10.57 -12.68 -11.54
C GLU A 257 10.52 -12.30 -13.02
N ASN A 258 9.32 -12.28 -13.59
CA ASN A 258 9.23 -11.90 -15.01
C ASN A 258 9.65 -10.45 -15.24
N ALA A 259 9.24 -9.54 -14.36
CA ALA A 259 9.67 -8.14 -14.48
C ALA A 259 11.18 -7.98 -14.30
N LEU A 260 11.74 -8.59 -13.26
CA LEU A 260 13.19 -8.54 -13.05
C LEU A 260 13.97 -9.11 -14.21
N SER A 261 13.47 -10.18 -14.83
CA SER A 261 14.19 -10.72 -15.96
C SER A 261 14.28 -9.66 -17.05
N GLN A 262 13.19 -8.92 -17.26
CA GLN A 262 13.18 -7.89 -18.30
C GLN A 262 14.05 -6.67 -18.01
N THR A 263 14.22 -6.36 -16.72
CA THR A 263 15.02 -5.22 -16.33
C THR A 263 16.50 -5.56 -16.08
N GLU A 264 16.94 -6.76 -16.46
CA GLU A 264 18.32 -7.19 -16.20
C GLU A 264 18.59 -7.19 -14.69
N PHE A 265 17.59 -7.61 -13.94
CA PHE A 265 17.64 -7.78 -12.48
C PHE A 265 17.72 -6.46 -11.71
N GLU A 266 17.36 -5.36 -12.36
N GLU A 266 17.33 -5.37 -12.36
CA GLU A 266 17.34 -4.04 -11.71
CA GLU A 266 17.33 -4.05 -11.71
C GLU A 266 16.00 -3.89 -11.02
C GLU A 266 15.98 -3.86 -11.02
N VAL A 267 16.05 -3.70 -9.70
CA VAL A 267 14.88 -3.65 -8.85
C VAL A 267 13.98 -2.42 -9.03
N LYS A 268 14.57 -1.22 -9.09
CA LYS A 268 13.75 -0.03 -9.19
C LYS A 268 12.76 -0.03 -10.35
N PRO A 269 13.24 -0.25 -11.59
CA PRO A 269 12.27 -0.26 -12.69
C PRO A 269 11.25 -1.40 -12.59
N ALA A 270 11.65 -2.54 -12.02
CA ALA A 270 10.71 -3.66 -11.85
C ALA A 270 9.56 -3.28 -10.95
N ILE A 271 9.87 -2.57 -9.86
CA ILE A 271 8.81 -2.12 -8.94
C ILE A 271 7.84 -1.20 -9.67
N LEU A 272 8.38 -0.25 -10.44
CA LEU A 272 7.52 0.66 -11.19
C LEU A 272 6.65 -0.05 -12.20
N MET A 273 7.23 -0.97 -12.96
CA MET A 273 6.50 -1.73 -13.97
C MET A 273 5.27 -2.37 -13.34
N ILE A 274 5.46 -2.99 -12.17
CA ILE A 274 4.40 -3.70 -11.49
C ILE A 274 3.35 -2.79 -10.88
N LEU A 275 3.80 -1.76 -10.18
CA LEU A 275 2.86 -0.86 -9.53
C LEU A 275 2.13 0.06 -10.49
N LYS A 276 2.74 0.42 -11.60
CA LYS A 276 2.09 1.35 -12.56
C LYS A 276 1.61 0.68 -13.85
N GLY A 277 2.00 -0.56 -14.07
CA GLY A 277 1.60 -1.28 -15.26
C GLY A 277 2.20 -0.70 -16.53
N VAL A 278 3.47 -0.34 -16.47
CA VAL A 278 4.19 0.23 -17.59
C VAL A 278 5.29 -0.71 -18.06
N SER A 279 5.82 -0.41 -19.25
CA SER A 279 6.91 -1.20 -19.85
C SER A 279 8.25 -0.89 -19.19
N VAL A 280 9.24 -1.74 -19.42
N VAL A 280 9.25 -1.72 -19.47
CA VAL A 280 10.59 -1.53 -18.89
CA VAL A 280 10.57 -1.52 -18.90
C VAL A 280 11.06 -0.18 -19.35
C VAL A 280 11.19 -0.20 -19.37
N GLU A 281 10.85 0.09 -20.63
N GLU A 281 10.94 0.18 -20.62
CA GLU A 281 11.32 1.29 -21.24
CA GLU A 281 11.48 1.45 -21.11
C GLU A 281 10.71 2.54 -20.59
C GLU A 281 10.72 2.62 -20.52
N GLN A 282 9.40 2.49 -20.35
CA GLN A 282 8.67 3.60 -19.73
C GLN A 282 9.16 3.78 -18.27
N ALA A 283 9.39 2.66 -17.59
CA ALA A 283 9.86 2.71 -16.20
C ALA A 283 11.22 3.39 -16.11
N ARG A 284 12.13 3.04 -17.02
CA ARG A 284 13.46 3.66 -17.03
C ARG A 284 13.38 5.18 -17.28
N LEU A 285 12.56 5.59 -18.23
CA LEU A 285 12.39 7.03 -18.50
C LEU A 285 11.78 7.76 -17.30
N ASN A 286 10.78 7.17 -16.66
N ASN A 286 10.79 7.16 -16.65
CA ASN A 286 10.15 7.77 -15.48
CA ASN A 286 10.15 7.77 -15.49
C ASN A 286 11.18 7.98 -14.37
C ASN A 286 11.17 7.96 -14.37
N LEU A 287 12.02 6.97 -14.15
CA LEU A 287 13.07 7.10 -13.13
C LEU A 287 14.08 8.20 -13.51
N GLN A 288 14.43 8.31 -14.78
CA GLN A 288 15.35 9.39 -15.20
C GLN A 288 14.74 10.75 -14.93
N GLN A 289 13.42 10.88 -15.15
CA GLN A 289 12.71 12.16 -14.94
C GLN A 289 12.75 12.54 -13.47
N HIS A 290 12.80 11.54 -12.59
CA HIS A 290 12.82 11.77 -11.14
C HIS A 290 14.21 11.60 -10.51
N ASN A 291 15.25 11.69 -11.35
CA ASN A 291 16.62 11.60 -10.87
C ASN A 291 16.90 10.33 -10.08
N GLY A 292 16.23 9.25 -10.45
CA GLY A 292 16.41 7.96 -9.82
C GLY A 292 15.70 7.70 -8.51
N TYR A 293 14.92 8.66 -8.02
CA TYR A 293 14.24 8.49 -6.74
C TYR A 293 12.92 7.77 -6.90
N LEU A 294 12.89 6.50 -6.51
CA LEU A 294 11.66 5.72 -6.65
C LEU A 294 10.44 6.32 -5.95
N ARG A 295 10.61 6.89 -4.74
CA ARG A 295 9.46 7.50 -4.07
C ARG A 295 8.80 8.58 -4.89
N ALA A 296 9.62 9.39 -5.55
CA ALA A 296 9.10 10.50 -6.34
C ALA A 296 8.43 10.02 -7.61
N ALA A 297 8.82 8.84 -8.08
CA ALA A 297 8.25 8.25 -9.31
C ALA A 297 6.95 7.53 -9.00
N LEU A 298 6.73 7.22 -7.72
CA LEU A 298 5.49 6.61 -7.25
C LEU A 298 4.61 7.72 -6.66
N GLY B 7 -24.97 -27.84 3.96
CA GLY B 7 -26.11 -27.07 4.53
C GLY B 7 -26.44 -25.83 3.71
N ALA B 8 -27.73 -25.49 3.66
CA ALA B 8 -28.16 -24.30 2.94
C ALA B 8 -27.64 -23.12 3.72
N LEU B 9 -27.12 -22.15 3.00
CA LEU B 9 -26.59 -20.96 3.60
C LEU B 9 -27.55 -19.79 3.50
N ILE B 10 -27.59 -18.99 4.54
CA ILE B 10 -28.41 -17.78 4.56
C ILE B 10 -28.00 -16.90 3.37
N SER B 11 -26.70 -16.71 3.16
CA SER B 11 -26.24 -15.82 2.09
C SER B 11 -26.69 -16.22 0.69
N GLU B 12 -26.99 -17.50 0.47
CA GLU B 12 -27.39 -18.02 -0.84
C GLU B 12 -28.89 -18.17 -1.00
N SER B 13 -29.63 -17.87 0.07
CA SER B 13 -31.06 -18.15 0.10
C SER B 13 -31.92 -16.96 -0.34
N ARG B 14 -33.23 -17.21 -0.50
CA ARG B 14 -34.14 -16.17 -0.94
C ARG B 14 -34.57 -15.29 0.20
N ASN B 15 -34.72 -14.00 -0.08
CA ASN B 15 -35.16 -13.03 0.90
C ASN B 15 -36.70 -12.94 0.94
N PRO B 16 -37.32 -13.21 2.09
CA PRO B 16 -38.79 -13.19 2.12
C PRO B 16 -39.44 -11.84 1.88
N ASP B 17 -38.69 -10.75 1.92
CA ASP B 17 -39.27 -9.44 1.73
C ASP B 17 -39.04 -8.83 0.36
N THR B 18 -38.44 -9.59 -0.57
CA THR B 18 -38.24 -9.04 -1.92
C THR B 18 -38.94 -9.88 -2.99
N MET B 19 -40.09 -10.49 -2.65
CA MET B 19 -40.84 -11.30 -3.63
C MET B 19 -41.49 -10.50 -4.75
N ASP B 20 -41.48 -9.18 -4.58
CA ASP B 20 -42.09 -8.25 -5.54
C ASP B 20 -41.09 -7.33 -6.22
N LEU B 21 -39.82 -7.72 -6.23
CA LEU B 21 -38.83 -6.86 -6.84
C LEU B 21 -39.17 -6.49 -8.28
N ASP B 22 -39.69 -7.45 -9.04
CA ASP B 22 -40.05 -7.28 -10.45
C ASP B 22 -41.44 -6.71 -10.76
N THR B 23 -42.28 -6.50 -9.74
CA THR B 23 -43.62 -5.97 -9.95
C THR B 23 -43.81 -4.54 -9.43
N LEU B 24 -42.94 -4.11 -8.54
CA LEU B 24 -43.02 -2.76 -7.96
C LEU B 24 -42.56 -1.68 -8.96
N SER B 25 -42.97 -0.44 -8.73
CA SER B 25 -42.44 0.67 -9.49
C SER B 25 -40.94 0.72 -9.25
N THR B 26 -40.22 1.41 -10.12
CA THR B 26 -38.79 1.55 -9.92
C THR B 26 -38.47 2.08 -8.51
N LEU B 27 -39.18 3.13 -8.14
N LEU B 27 -39.17 3.14 -8.10
CA LEU B 27 -39.03 3.76 -6.86
CA LEU B 27 -38.93 3.76 -6.79
C LEU B 27 -39.18 2.76 -5.70
C LEU B 27 -39.19 2.78 -5.64
N GLU B 28 -40.25 1.98 -5.73
CA GLU B 28 -40.52 1.04 -4.65
C GLU B 28 -39.56 -0.14 -4.66
N MET B 29 -39.16 -0.57 -5.84
N MET B 29 -39.14 -0.55 -5.85
CA MET B 29 -38.17 -1.65 -5.94
CA MET B 29 -38.15 -1.62 -6.01
C MET B 29 -36.84 -1.21 -5.32
C MET B 29 -36.86 -1.20 -5.32
N LEU B 30 -36.44 0.04 -5.57
CA LEU B 30 -35.21 0.57 -4.96
C LEU B 30 -35.34 0.70 -3.44
N THR B 31 -36.56 0.99 -2.97
CA THR B 31 -36.81 1.09 -1.57
C THR B 31 -36.62 -0.29 -0.90
N ARG B 32 -37.01 -1.37 -1.56
CA ARG B 32 -36.78 -2.72 -1.06
C ARG B 32 -35.27 -2.93 -0.92
N ILE B 33 -34.49 -2.50 -1.91
CA ILE B 33 -33.05 -2.69 -1.84
C ILE B 33 -32.46 -1.90 -0.69
N ASN B 34 -32.87 -0.64 -0.53
CA ASN B 34 -32.40 0.17 0.56
C ASN B 34 -32.80 -0.36 1.95
N ASP B 35 -33.98 -0.96 2.06
CA ASP B 35 -34.41 -1.59 3.31
C ASP B 35 -33.40 -2.69 3.72
N GLU B 36 -32.83 -3.40 2.74
CA GLU B 36 -31.79 -4.40 3.06
C GLU B 36 -30.51 -3.73 3.45
N ASP B 37 -30.11 -2.66 2.77
CA ASP B 37 -28.84 -1.98 3.11
C ASP B 37 -28.85 -1.42 4.52
N ARG B 38 -30.03 -1.01 5.01
CA ARG B 38 -30.16 -0.49 6.36
C ARG B 38 -29.72 -1.53 7.43
N LYS B 39 -29.78 -2.80 7.09
CA LYS B 39 -29.45 -3.87 8.04
C LYS B 39 -27.95 -4.06 8.26
N VAL B 40 -27.14 -3.56 7.33
CA VAL B 40 -25.72 -3.87 7.38
C VAL B 40 -24.95 -3.23 8.54
N PRO B 41 -25.09 -1.92 8.75
CA PRO B 41 -24.33 -1.34 9.89
C PRO B 41 -24.69 -1.99 11.23
N GLU B 42 -25.93 -2.45 11.42
CA GLU B 42 -26.34 -3.11 12.66
C GLU B 42 -25.67 -4.47 12.81
N ALA B 43 -25.56 -5.21 11.72
CA ALA B 43 -24.92 -6.53 11.72
C ALA B 43 -23.43 -6.37 12.09
N ILE B 44 -22.81 -5.31 11.61
CA ILE B 44 -21.42 -5.02 11.94
C ILE B 44 -21.27 -4.61 13.40
N ARG B 45 -22.19 -3.82 13.91
N ARG B 45 -22.19 -3.80 13.91
CA ARG B 45 -22.06 -3.34 15.29
CA ARG B 45 -22.09 -3.34 15.30
C ARG B 45 -21.97 -4.52 16.25
C ARG B 45 -22.01 -4.51 16.28
N LEU B 46 -22.74 -5.58 15.99
CA LEU B 46 -22.75 -6.76 16.85
C LEU B 46 -21.44 -7.52 16.94
N VAL B 47 -20.58 -7.34 15.96
CA VAL B 47 -19.30 -8.04 15.91
C VAL B 47 -18.09 -7.12 16.15
N ILE B 48 -18.33 -5.91 16.62
CA ILE B 48 -17.23 -5.01 16.93
C ILE B 48 -16.19 -5.61 17.90
N PRO B 49 -16.61 -6.38 18.93
CA PRO B 49 -15.57 -6.89 19.81
C PRO B 49 -14.55 -7.77 19.06
N ASN B 50 -15.02 -8.55 18.08
N ASN B 50 -15.00 -8.56 18.09
CA ASN B 50 -14.13 -9.40 17.29
CA ASN B 50 -14.08 -9.39 17.33
C ASN B 50 -13.25 -8.54 16.37
C ASN B 50 -13.25 -8.57 16.33
N ILE B 51 -13.85 -7.50 15.77
CA ILE B 51 -13.10 -6.62 14.88
C ILE B 51 -11.97 -5.94 15.70
N ALA B 52 -12.29 -5.57 16.92
CA ALA B 52 -11.29 -4.94 17.83
C ALA B 52 -10.12 -5.88 18.07
N GLN B 53 -10.42 -7.15 18.30
N GLN B 53 -10.40 -7.15 18.30
CA GLN B 53 -9.35 -8.14 18.51
CA GLN B 53 -9.33 -8.11 18.54
C GLN B 53 -8.43 -8.13 17.30
C GLN B 53 -8.42 -8.18 17.29
N ALA B 54 -9.03 -8.15 16.10
CA ALA B 54 -8.25 -8.21 14.85
C ALA B 54 -7.44 -6.92 14.63
N VAL B 55 -8.01 -5.76 14.97
CA VAL B 55 -7.29 -4.48 14.82
C VAL B 55 -6.03 -4.51 15.68
N ASP B 56 -6.16 -4.97 16.92
CA ASP B 56 -4.99 -4.98 17.80
C ASP B 56 -3.90 -5.90 17.23
N LEU B 57 -4.28 -7.05 16.72
CA LEU B 57 -3.30 -7.95 16.09
C LEU B 57 -2.66 -7.35 14.83
N ALA B 58 -3.43 -6.63 14.03
CA ALA B 58 -2.93 -6.03 12.80
C ALA B 58 -1.93 -4.92 13.12
N ALA B 59 -2.25 -4.11 14.11
CA ALA B 59 -1.33 -3.06 14.51
C ALA B 59 0.00 -3.65 14.97
N LYS B 60 -0.05 -4.72 15.76
N LYS B 60 -0.06 -4.73 15.76
CA LYS B 60 1.19 -5.35 16.25
CA LYS B 60 1.18 -5.39 16.22
C LYS B 60 2.00 -5.93 15.08
C LYS B 60 2.00 -5.89 15.04
N ALA B 61 1.33 -6.58 14.11
CA ALA B 61 2.01 -7.13 12.92
C ALA B 61 2.73 -6.05 12.16
N LEU B 62 2.02 -4.96 11.87
CA LEU B 62 2.63 -3.82 11.13
C LEU B 62 3.78 -3.16 11.93
N ARG B 63 3.59 -2.96 13.22
N ARG B 63 3.58 -2.97 13.23
CA ARG B 63 4.64 -2.32 14.05
CA ARG B 63 4.59 -2.36 14.12
C ARG B 63 5.90 -3.18 14.05
C ARG B 63 5.87 -3.17 14.15
N ASP B 64 5.72 -4.48 14.02
CA ASP B 64 6.85 -5.41 14.05
C ASP B 64 7.50 -5.65 12.68
N GLY B 65 7.07 -4.91 11.66
CA GLY B 65 7.67 -4.99 10.33
C GLY B 65 7.00 -5.95 9.37
N GLY B 66 5.92 -6.57 9.81
CA GLY B 66 5.14 -7.47 8.99
C GLY B 66 4.07 -6.72 8.21
N ARG B 67 3.23 -7.50 7.54
CA ARG B 67 2.19 -6.97 6.68
C ARG B 67 0.79 -7.39 7.12
N LEU B 68 -0.19 -6.68 6.57
CA LEU B 68 -1.62 -7.01 6.74
C LEU B 68 -2.00 -7.51 5.35
N ILE B 69 -2.38 -8.79 5.28
CA ILE B 69 -2.66 -9.44 4.02
C ILE B 69 -4.08 -9.92 3.96
N TYR B 70 -4.84 -9.36 3.04
CA TYR B 70 -6.22 -9.76 2.80
C TYR B 70 -6.25 -10.77 1.65
N LEU B 71 -7.12 -11.76 1.72
CA LEU B 71 -7.23 -12.70 0.62
C LEU B 71 -8.65 -13.20 0.48
N GLY B 72 -9.04 -13.41 -0.77
CA GLY B 72 -10.36 -13.92 -1.09
C GLY B 72 -10.51 -14.17 -2.58
N ALA B 73 -11.65 -14.75 -2.94
CA ALA B 73 -12.01 -15.01 -4.32
C ALA B 73 -13.08 -14.03 -4.74
N GLY B 74 -13.16 -13.76 -6.04
CA GLY B 74 -14.21 -12.91 -6.54
C GLY B 74 -14.35 -11.55 -5.85
N THR B 75 -15.58 -11.14 -5.64
CA THR B 75 -15.85 -9.83 -5.02
C THR B 75 -15.14 -9.67 -3.67
N SER B 76 -15.13 -10.72 -2.85
CA SER B 76 -14.40 -10.67 -1.55
C SER B 76 -12.95 -10.28 -1.74
N GLY B 77 -12.28 -10.94 -2.70
CA GLY B 77 -10.89 -10.63 -3.01
C GLY B 77 -10.75 -9.21 -3.56
N ARG B 78 -11.68 -8.81 -4.43
N ARG B 78 -11.66 -8.80 -4.43
CA ARG B 78 -11.65 -7.48 -5.05
CA ARG B 78 -11.58 -7.47 -5.02
C ARG B 78 -11.75 -6.38 -3.98
C ARG B 78 -11.77 -6.35 -4.00
N LEU B 79 -12.57 -6.60 -2.96
CA LEU B 79 -12.73 -5.62 -1.91
C LEU B 79 -11.48 -5.52 -1.06
N GLY B 80 -10.81 -6.64 -0.82
CA GLY B 80 -9.52 -6.56 -0.12
C GLY B 80 -8.49 -5.76 -0.91
N VAL B 81 -8.44 -5.99 -2.22
CA VAL B 81 -7.51 -5.23 -3.07
C VAL B 81 -7.87 -3.73 -3.02
N LEU B 82 -9.17 -3.41 -3.03
CA LEU B 82 -9.60 -2.00 -2.93
C LEU B 82 -9.12 -1.37 -1.63
N ASP B 83 -9.39 -2.00 -0.48
CA ASP B 83 -8.96 -1.43 0.79
C ASP B 83 -7.46 -1.26 0.84
N ALA B 84 -6.71 -2.29 0.41
CA ALA B 84 -5.25 -2.19 0.41
C ALA B 84 -4.77 -1.04 -0.48
N SER B 85 -5.42 -0.84 -1.61
CA SER B 85 -4.96 0.18 -2.57
C SER B 85 -5.15 1.58 -2.03
N GLU B 86 -6.09 1.76 -1.10
CA GLU B 86 -6.38 3.05 -0.50
C GLU B 86 -5.44 3.40 0.62
N CYS B 87 -4.68 2.44 1.11
CA CYS B 87 -3.84 2.72 2.27
C CYS B 87 -2.68 3.69 1.97
N PRO B 88 -1.94 3.51 0.85
CA PRO B 88 -0.88 4.49 0.57
C PRO B 88 -1.36 5.95 0.44
N PRO B 89 -2.45 6.19 -0.30
CA PRO B 89 -2.84 7.61 -0.42
C PRO B 89 -3.48 8.15 0.86
N THR B 90 -4.16 7.29 1.61
CA THR B 90 -4.86 7.76 2.80
C THR B 90 -3.91 7.98 3.99
N PHE B 91 -2.98 7.05 4.20
CA PHE B 91 -2.10 7.07 5.37
C PHE B 91 -0.62 7.37 5.12
N GLY B 92 -0.24 7.52 3.86
CA GLY B 92 1.15 7.80 3.53
C GLY B 92 2.07 6.62 3.69
N VAL B 93 1.52 5.42 3.77
CA VAL B 93 2.35 4.21 3.91
C VAL B 93 2.82 3.80 2.53
N PRO B 94 3.99 3.16 2.43
CA PRO B 94 4.38 2.69 1.11
C PRO B 94 3.50 1.53 0.68
N HIS B 95 3.48 1.24 -0.62
CA HIS B 95 2.81 0.06 -1.15
C HIS B 95 3.54 -1.20 -0.58
N GLY B 96 2.84 -2.32 -0.54
CA GLY B 96 3.42 -3.58 -0.03
C GLY B 96 3.32 -3.88 1.46
N ARG B 97 2.72 -2.94 2.22
N ARG B 97 2.76 -2.96 2.25
CA ARG B 97 2.55 -3.06 3.66
CA ARG B 97 2.59 -3.20 3.69
C ARG B 97 1.20 -3.70 3.98
C ARG B 97 1.17 -3.76 3.97
N VAL B 98 0.15 -3.19 3.33
CA VAL B 98 -1.22 -3.72 3.39
C VAL B 98 -1.48 -4.20 1.97
N ILE B 99 -1.73 -5.49 1.79
CA ILE B 99 -1.84 -6.05 0.45
C ILE B 99 -3.05 -6.92 0.34
N GLY B 100 -3.60 -6.99 -0.87
CA GLY B 100 -4.73 -7.83 -1.15
C GLY B 100 -4.41 -8.84 -2.25
N LEU B 101 -4.76 -10.09 -1.98
N LEU B 101 -4.84 -10.06 -2.00
CA LEU B 101 -4.63 -11.18 -2.94
CA LEU B 101 -4.65 -11.19 -2.87
C LEU B 101 -6.01 -11.65 -3.37
C LEU B 101 -6.01 -11.71 -3.35
N ILE B 102 -6.12 -11.97 -4.65
CA ILE B 102 -7.35 -12.52 -5.21
C ILE B 102 -7.03 -13.90 -5.76
N ALA B 103 -7.85 -14.89 -5.44
CA ALA B 103 -7.62 -16.25 -5.95
C ALA B 103 -7.59 -16.22 -7.48
N GLY B 104 -6.52 -16.75 -8.06
CA GLY B 104 -6.37 -16.74 -9.51
C GLY B 104 -5.58 -15.54 -10.04
N GLY B 105 -5.31 -14.56 -9.17
CA GLY B 105 -4.53 -13.38 -9.58
C GLY B 105 -5.35 -12.19 -10.06
N PRO B 106 -4.70 -11.04 -10.28
CA PRO B 106 -5.38 -9.79 -10.71
C PRO B 106 -6.22 -9.93 -11.96
N ALA B 112 -12.70 -13.98 -13.98
CA ALA B 112 -12.40 -14.97 -12.96
C ALA B 112 -11.64 -16.17 -13.56
N VAL B 113 -10.67 -16.70 -12.82
CA VAL B 113 -9.89 -17.86 -13.25
C VAL B 113 -10.65 -19.14 -12.84
N GLU B 114 -10.99 -19.96 -13.83
CA GLU B 114 -11.77 -21.19 -13.61
C GLU B 114 -11.16 -22.18 -12.59
N GLY B 115 -11.88 -22.42 -11.49
CA GLY B 115 -11.50 -23.41 -10.45
C GLY B 115 -10.57 -22.96 -9.33
N ALA B 116 -9.99 -21.77 -9.46
CA ALA B 116 -9.05 -21.28 -8.45
C ALA B 116 -9.68 -21.17 -7.06
N GLU B 117 -10.93 -20.74 -7.01
CA GLU B 117 -11.61 -20.57 -5.71
C GLU B 117 -11.82 -21.91 -4.96
N ASP B 118 -11.80 -23.04 -5.69
CA ASP B 118 -11.98 -24.36 -5.08
C ASP B 118 -10.68 -25.11 -4.82
N ASP B 119 -9.54 -24.46 -5.07
CA ASP B 119 -8.25 -25.11 -4.92
C ASP B 119 -7.74 -25.03 -3.49
N VAL B 120 -7.72 -26.16 -2.79
CA VAL B 120 -7.33 -26.20 -1.38
C VAL B 120 -5.82 -26.03 -1.11
N SER B 121 -4.97 -26.18 -2.12
N SER B 121 -5.04 -25.93 -2.19
CA SER B 121 -3.50 -26.06 -1.92
CA SER B 121 -3.60 -25.71 -2.12
C SER B 121 -2.92 -24.71 -2.37
C SER B 121 -3.17 -24.39 -2.81
N LEU B 122 -3.68 -24.01 -3.20
N LEU B 122 -4.04 -23.72 -3.58
CA LEU B 122 -3.29 -22.75 -3.81
CA LEU B 122 -3.62 -22.51 -4.27
C LEU B 122 -3.03 -21.62 -2.81
C LEU B 122 -3.38 -21.35 -3.31
N GLY B 123 -3.92 -21.46 -1.83
N GLY B 123 -4.16 -21.30 -2.23
CA GLY B 123 -3.78 -20.43 -0.81
CA GLY B 123 -4.00 -20.26 -1.22
C GLY B 123 -2.43 -20.46 -0.12
C GLY B 123 -2.58 -20.30 -0.66
N GLU B 124 -2.02 -21.64 0.31
N GLU B 124 -2.16 -21.49 -0.24
CA GLU B 124 -0.72 -21.82 0.96
CA GLU B 124 -0.80 -21.67 0.27
C GLU B 124 0.44 -21.45 0.04
C GLU B 124 0.20 -21.26 -0.81
N ARG B 125 0.38 -21.92 -1.21
N ARG B 125 -0.04 -21.69 -2.06
CA ARG B 125 1.44 -21.64 -2.17
CA ARG B 125 0.88 -21.35 -3.16
C ARG B 125 1.51 -20.12 -2.46
C ARG B 125 0.93 -19.84 -3.42
N ASP B 126 0.36 -19.43 -2.51
N ASP B 126 -0.19 -19.15 -3.26
CA ASP B 126 0.33 -17.97 -2.69
CA ASP B 126 -0.22 -17.70 -3.52
C ASP B 126 1.01 -17.25 -1.50
C ASP B 126 0.46 -16.94 -2.41
N LEU B 127 0.74 -17.72 -0.29
N LEU B 127 0.30 -17.42 -1.18
CA LEU B 127 1.34 -17.15 0.89
CA LEU B 127 0.93 -16.80 -0.03
C LEU B 127 2.83 -17.45 1.01
C LEU B 127 2.45 -17.04 -0.08
N ARG B 128 3.25 -18.68 0.69
N ARG B 128 2.86 -18.25 -0.44
CA ARG B 128 4.69 -19.00 0.74
CA ARG B 128 4.28 -18.53 -0.58
C ARG B 128 5.46 -18.12 -0.25
C ARG B 128 4.88 -17.61 -1.64
N ASP B 129 4.85 -17.86 -1.40
N ASP B 129 4.13 -17.37 -2.71
CA ASP B 129 5.43 -17.02 -2.43
CA ASP B 129 4.59 -16.45 -3.76
C ASP B 129 5.57 -15.54 -1.99
C ASP B 129 4.74 -15.00 -3.24
N LEU B 130 4.86 -15.14 -0.92
N LEU B 130 4.09 -14.69 -2.12
CA LEU B 130 4.94 -13.78 -0.35
CA LEU B 130 4.19 -13.36 -1.52
C LEU B 130 6.00 -13.71 0.77
C LEU B 130 5.16 -13.36 -0.33
N GLN B 131 6.65 -14.84 1.01
N GLN B 131 5.98 -14.41 -0.25
CA GLN B 131 7.59 -15.05 2.12
CA GLN B 131 6.95 -14.60 0.85
C GLN B 131 6.83 -14.75 3.42
C GLN B 131 6.36 -14.41 2.25
N LEU B 132 5.72 -15.46 3.61
N LEU B 132 5.24 -15.05 2.51
CA LEU B 132 4.92 -15.27 4.81
CA LEU B 132 4.59 -14.96 3.80
C LEU B 132 5.78 -15.62 6.03
C LEU B 132 5.52 -15.41 4.93
N THR B 133 5.69 -14.78 7.06
N THR B 133 5.54 -14.63 6.01
CA THR B 133 6.35 -15.02 8.34
CA THR B 133 6.25 -15.00 7.22
C THR B 133 5.27 -15.00 9.41
C THR B 133 5.24 -14.93 8.37
N ALA B 134 5.64 -15.51 10.58
N ALA B 134 5.55 -15.59 9.49
CA ALA B 134 4.74 -15.55 11.73
CA ALA B 134 4.68 -15.62 10.67
C ALA B 134 4.36 -14.15 12.21
C ALA B 134 4.39 -14.23 11.24
N THR B 135 5.10 -13.12 11.80
N THR B 135 5.20 -13.24 10.88
CA THR B 135 4.78 -11.74 12.18
CA THR B 135 5.03 -11.87 11.38
C THR B 135 3.62 -11.18 11.32
C THR B 135 3.87 -11.17 10.69
N ASP B 136 3.57 -11.55 10.04
N ASP B 136 3.51 -11.67 9.52
CA ASP B 136 2.48 -11.10 9.15
CA ASP B 136 2.40 -11.13 8.78
C ASP B 136 1.13 -11.54 9.65
C ASP B 136 1.09 -11.63 9.36
N MET B 137 0.08 -10.75 9.33
CA MET B 137 -1.30 -11.11 9.68
C MET B 137 -2.07 -11.40 8.40
N VAL B 138 -2.85 -12.48 8.42
CA VAL B 138 -3.63 -12.92 7.28
C VAL B 138 -5.12 -12.89 7.60
N VAL B 139 -5.87 -12.23 6.72
CA VAL B 139 -7.31 -12.07 6.88
C VAL B 139 -7.96 -12.67 5.65
N GLY B 140 -8.80 -13.70 5.86
CA GLY B 140 -9.50 -14.38 4.77
C GLY B 140 -10.92 -13.89 4.68
N LEU B 141 -11.39 -13.61 3.46
CA LEU B 141 -12.75 -13.11 3.25
C LEU B 141 -13.53 -14.02 2.33
N ALA B 142 -14.76 -14.36 2.75
CA ALA B 142 -15.66 -15.10 1.89
C ALA B 142 -17.07 -14.90 2.42
N ALA B 143 -17.96 -14.34 1.59
CA ALA B 143 -19.36 -14.14 2.03
C ALA B 143 -19.95 -15.46 2.51
N SER B 144 -19.76 -16.53 1.74
CA SER B 144 -20.27 -17.88 2.07
C SER B 144 -19.63 -18.50 3.30
N GLY B 145 -18.41 -18.08 3.59
CA GLY B 145 -17.62 -18.64 4.67
C GLY B 145 -17.02 -20.01 4.36
N ARG B 146 -17.13 -20.48 3.14
CA ARG B 146 -16.64 -21.84 2.86
C ARG B 146 -15.79 -22.00 1.62
N THR B 147 -15.29 -20.89 1.06
CA THR B 147 -14.49 -20.92 -0.16
C THR B 147 -13.21 -21.73 0.12
N PRO B 148 -13.03 -22.88 -0.59
CA PRO B 148 -11.84 -23.70 -0.24
C PRO B 148 -10.49 -23.03 -0.34
N TYR B 149 -10.34 -22.11 -1.28
CA TYR B 149 -9.11 -21.36 -1.40
C TYR B 149 -8.75 -20.68 -0.08
N VAL B 150 -9.74 -20.08 0.57
CA VAL B 150 -9.55 -19.32 1.80
C VAL B 150 -9.30 -20.25 2.98
N ILE B 151 -10.06 -21.35 3.06
CA ILE B 151 -9.85 -22.33 4.13
C ILE B 151 -8.38 -22.78 4.14
N GLY B 152 -7.87 -23.13 2.98
CA GLY B 152 -6.49 -23.60 2.86
C GLY B 152 -5.44 -22.57 3.22
N ALA B 153 -5.69 -21.33 2.78
CA ALA B 153 -4.79 -20.24 3.06
C ALA B 153 -4.72 -19.95 4.56
N LEU B 154 -5.88 -19.90 5.21
CA LEU B 154 -5.93 -19.63 6.64
C LEU B 154 -5.25 -20.73 7.47
N ARG B 155 -5.48 -21.98 7.12
CA ARG B 155 -4.91 -23.10 7.84
C ARG B 155 -3.38 -23.02 7.76
N PHE B 156 -2.85 -22.72 6.59
CA PHE B 156 -1.42 -22.60 6.45
C PHE B 156 -0.83 -21.45 7.28
N ALA B 157 -1.45 -20.29 7.22
CA ALA B 157 -0.96 -19.15 7.96
C ALA B 157 -0.98 -19.41 9.45
N ARG B 158 -2.06 -20.02 9.94
CA ARG B 158 -2.18 -20.27 11.34
C ARG B 158 -1.09 -21.24 11.81
N GLN B 159 -0.87 -22.29 11.02
CA GLN B 159 0.12 -23.30 11.36
C GLN B 159 1.55 -22.73 11.31
N LEU B 160 1.74 -21.67 10.54
CA LEU B 160 3.06 -21.00 10.45
C LEU B 160 3.33 -20.15 11.70
N GLY B 161 2.27 -19.75 12.40
CA GLY B 161 2.39 -18.93 13.59
C GLY B 161 1.83 -17.51 13.40
N CYS B 162 1.18 -17.28 12.27
CA CYS B 162 0.57 -15.96 12.00
C CYS B 162 -0.71 -15.74 12.75
N PRO B 163 -0.96 -14.50 13.16
CA PRO B 163 -2.29 -14.17 13.61
C PRO B 163 -3.22 -14.22 12.37
N THR B 164 -4.42 -14.73 12.53
CA THR B 164 -5.38 -14.86 11.45
C THR B 164 -6.76 -14.38 11.84
N ALA B 165 -7.47 -13.85 10.83
CA ALA B 165 -8.88 -13.48 11.00
C ALA B 165 -9.66 -13.94 9.80
N ALA B 166 -10.95 -14.18 10.00
CA ALA B 166 -11.84 -14.58 8.92
C ALA B 166 -13.06 -13.69 8.91
N ILE B 167 -13.47 -13.25 7.73
CA ILE B 167 -14.67 -12.39 7.59
C ILE B 167 -15.66 -13.15 6.72
N SER B 168 -16.78 -13.52 7.34
N SER B 168 -16.81 -13.50 7.30
CA SER B 168 -17.87 -14.30 6.74
CA SER B 168 -17.87 -14.17 6.54
C SER B 168 -19.23 -13.67 7.05
C SER B 168 -19.24 -13.78 7.07
N CYS B 169 -20.23 -13.93 6.20
CA CYS B 169 -21.60 -13.48 6.51
C CYS B 169 -22.54 -14.60 6.90
N ASN B 170 -21.99 -15.79 7.12
CA ASN B 170 -22.76 -16.94 7.63
C ASN B 170 -22.19 -17.35 8.95
N PRO B 171 -23.04 -17.77 9.88
CA PRO B 171 -22.58 -18.12 11.22
C PRO B 171 -21.79 -19.45 11.27
N ASP B 172 -20.82 -19.51 12.18
CA ASP B 172 -19.99 -20.73 12.40
C ASP B 172 -19.47 -21.37 11.11
N SER B 173 -18.92 -20.54 10.26
CA SER B 173 -18.49 -20.98 8.92
C SER B 173 -17.16 -21.72 8.98
N PRO B 174 -16.85 -22.47 7.94
CA PRO B 174 -15.53 -23.13 7.91
C PRO B 174 -14.35 -22.18 8.02
N ILE B 175 -14.39 -21.01 7.38
CA ILE B 175 -13.25 -20.08 7.52
C ILE B 175 -13.16 -19.52 8.94
N ALA B 176 -14.30 -19.26 9.59
CA ALA B 176 -14.30 -18.78 10.97
C ALA B 176 -13.64 -19.82 11.89
N GLN B 177 -13.87 -21.11 11.62
CA GLN B 177 -13.32 -22.18 12.44
C GLN B 177 -11.82 -22.43 12.20
N GLU B 178 -11.26 -21.88 11.13
CA GLU B 178 -9.82 -22.03 10.87
C GLU B 178 -9.01 -20.87 11.45
N ALA B 179 -9.67 -19.76 11.74
CA ALA B 179 -8.97 -18.53 12.14
C ALA B 179 -8.96 -18.30 13.64
N LEU B 180 -7.99 -17.51 14.10
CA LEU B 180 -7.94 -17.13 15.50
C LEU B 180 -9.11 -16.19 15.82
N VAL B 181 -9.37 -15.22 14.96
CA VAL B 181 -10.45 -14.27 15.18
C VAL B 181 -11.50 -14.43 14.09
N ALA B 182 -12.74 -14.67 14.50
CA ALA B 182 -13.86 -14.81 13.55
C ALA B 182 -14.70 -13.55 13.58
N ILE B 183 -14.89 -12.94 12.43
CA ILE B 183 -15.70 -11.72 12.29
C ILE B 183 -16.84 -12.15 11.38
N SER B 184 -18.04 -12.32 11.96
CA SER B 184 -19.15 -12.94 11.23
C SER B 184 -20.43 -12.12 11.26
N PRO B 185 -20.44 -10.98 10.57
CA PRO B 185 -21.69 -10.18 10.52
C PRO B 185 -22.75 -10.86 9.67
N VAL B 186 -23.86 -11.23 10.29
CA VAL B 186 -24.91 -11.93 9.58
C VAL B 186 -25.92 -10.90 9.07
N VAL B 187 -25.87 -10.66 7.76
CA VAL B 187 -26.67 -9.62 7.12
C VAL B 187 -27.98 -10.11 6.52
N GLY B 188 -28.14 -11.43 6.42
CA GLY B 188 -29.39 -12.00 5.88
C GLY B 188 -29.30 -12.22 4.38
N PRO B 189 -30.33 -12.87 3.82
CA PRO B 189 -30.38 -13.17 2.38
C PRO B 189 -30.37 -11.88 1.55
N GLU B 190 -29.82 -11.96 0.36
CA GLU B 190 -29.66 -10.78 -0.48
C GLU B 190 -30.96 -10.43 -1.18
N ALA B 191 -31.18 -9.13 -1.47
CA ALA B 191 -32.44 -8.69 -2.09
C ALA B 191 -32.69 -9.42 -3.43
N LEU B 192 -31.61 -9.63 -4.19
CA LEU B 192 -31.59 -10.51 -5.38
C LEU B 192 -30.88 -11.74 -4.91
N THR B 193 -31.56 -12.90 -5.01
CA THR B 193 -31.07 -14.14 -4.45
C THR B 193 -29.66 -14.48 -4.90
N GLY B 194 -28.79 -14.69 -3.93
CA GLY B 194 -27.41 -15.05 -4.17
C GLY B 194 -26.47 -13.95 -4.58
N SER B 195 -26.95 -12.71 -4.62
N SER B 195 -26.98 -12.69 -4.68
CA SER B 195 -26.09 -11.61 -5.05
CA SER B 195 -26.16 -11.50 -5.03
C SER B 195 -25.34 -11.02 -3.88
C SER B 195 -25.35 -11.02 -3.85
N THR B 196 -24.34 -11.78 -3.43
CA THR B 196 -23.56 -11.42 -2.27
C THR B 196 -22.65 -10.24 -2.49
N ARG B 197 -22.59 -9.73 -3.72
CA ARG B 197 -21.89 -8.49 -3.95
C ARG B 197 -22.59 -7.33 -3.25
N MET B 198 -23.86 -7.53 -2.86
CA MET B 198 -24.69 -6.48 -2.30
C MET B 198 -24.46 -6.34 -0.79
N LYS B 199 -25.39 -6.78 0.08
CA LYS B 199 -25.17 -6.61 1.52
C LYS B 199 -23.89 -7.22 2.04
N SER B 200 -23.59 -8.42 1.60
CA SER B 200 -22.41 -9.12 2.10
C SER B 200 -21.14 -8.37 1.69
N GLY B 201 -21.13 -7.85 0.48
CA GLY B 201 -20.01 -7.06 0.01
C GLY B 201 -19.88 -5.78 0.79
N THR B 202 -21.00 -5.11 1.03
CA THR B 202 -20.97 -3.90 1.82
C THR B 202 -20.40 -4.21 3.20
N ALA B 203 -20.85 -5.30 3.81
CA ALA B 203 -20.35 -5.69 5.14
C ALA B 203 -18.85 -5.89 5.11
N GLN B 204 -18.34 -6.58 4.09
CA GLN B 204 -16.90 -6.81 3.97
C GLN B 204 -16.14 -5.49 3.84
N LYS B 205 -16.64 -4.57 3.02
CA LYS B 205 -16.01 -3.25 2.88
C LYS B 205 -15.94 -2.54 4.24
N LEU B 206 -17.06 -2.50 4.96
CA LEU B 206 -17.09 -1.84 6.25
C LEU B 206 -16.09 -2.46 7.23
N VAL B 207 -16.01 -3.79 7.27
CA VAL B 207 -15.05 -4.43 8.18
C VAL B 207 -13.60 -4.12 7.72
N LEU B 208 -13.31 -4.19 6.43
CA LEU B 208 -11.95 -3.90 5.95
C LEU B 208 -11.56 -2.47 6.31
N ASN B 209 -12.45 -1.53 6.08
CA ASN B 209 -12.17 -0.13 6.36
C ASN B 209 -11.91 0.05 7.88
N MET B 210 -12.63 -0.71 8.71
CA MET B 210 -12.41 -0.66 10.16
C MET B 210 -11.06 -1.24 10.53
N LEU B 211 -10.68 -2.36 9.92
N LEU B 211 -10.68 -2.32 9.87
CA LEU B 211 -9.34 -2.97 10.19
CA LEU B 211 -9.42 -3.00 10.15
C LEU B 211 -8.20 -2.03 9.84
C LEU B 211 -8.17 -2.17 9.78
N SER B 212 -8.18 -1.55 8.61
CA SER B 212 -7.05 -0.71 8.19
C SER B 212 -7.06 0.61 8.93
N THR B 213 -8.20 1.28 9.03
CA THR B 213 -8.25 2.57 9.73
C THR B 213 -7.89 2.39 11.20
N GLY B 214 -8.50 1.39 11.83
CA GLY B 214 -8.22 1.12 13.22
C GLY B 214 -6.77 0.81 13.49
N ALA B 215 -6.18 -0.02 12.65
CA ALA B 215 -4.75 -0.33 12.84
C ALA B 215 -3.90 0.93 12.71
N MET B 216 -4.22 1.79 11.74
CA MET B 216 -3.45 3.02 11.53
C MET B 216 -3.54 3.97 12.70
N VAL B 217 -4.72 4.02 13.33
CA VAL B 217 -4.86 4.84 14.54
C VAL B 217 -3.97 4.26 15.64
N LYS B 218 -3.98 2.94 15.82
N LYS B 218 -3.99 2.96 15.84
CA LYS B 218 -3.13 2.35 16.87
CA LYS B 218 -3.13 2.37 16.88
C LYS B 218 -1.67 2.61 16.59
C LYS B 218 -1.65 2.57 16.58
N LEU B 219 -1.30 2.64 15.31
CA LEU B 219 0.10 2.83 14.88
C LEU B 219 0.63 4.25 15.01
N GLY B 220 -0.25 5.22 15.27
CA GLY B 220 0.21 6.57 15.46
C GLY B 220 0.05 7.50 14.27
N LYS B 221 -0.78 7.13 13.30
CA LYS B 221 -0.96 7.96 12.13
C LYS B 221 -1.85 9.17 12.42
N VAL B 222 -2.53 9.13 13.56
CA VAL B 222 -3.59 10.10 13.87
C VAL B 222 -3.41 10.91 15.14
N TYR B 223 -3.79 12.18 15.04
CA TYR B 223 -3.83 13.08 16.20
C TYR B 223 -5.23 13.71 16.14
N GLN B 224 -5.97 13.62 17.25
CA GLN B 224 -7.39 14.01 17.31
C GLN B 224 -8.10 13.14 16.25
N ASN B 225 -8.66 13.73 15.20
CA ASN B 225 -9.20 12.97 14.06
C ASN B 225 -8.54 13.43 12.74
N LEU B 226 -7.26 13.80 12.83
CA LEU B 226 -6.47 14.21 11.68
C LEU B 226 -5.39 13.18 11.38
N MET B 227 -5.16 12.91 10.09
CA MET B 227 -4.07 12.02 9.67
C MET B 227 -2.83 12.93 9.55
N VAL B 228 -1.93 12.82 10.53
CA VAL B 228 -0.78 13.75 10.64
C VAL B 228 0.58 13.22 10.26
N ASP B 229 0.63 11.97 9.82
CA ASP B 229 1.92 11.36 9.43
C ASP B 229 2.19 11.74 7.97
N VAL B 230 2.77 12.93 7.85
CA VAL B 230 3.04 13.56 6.59
C VAL B 230 4.40 14.22 6.62
N LYS B 231 5.15 14.06 5.53
CA LYS B 231 6.43 14.76 5.34
C LYS B 231 6.34 15.36 3.96
N ALA B 232 6.48 16.68 3.89
CA ALA B 232 6.36 17.39 2.63
C ALA B 232 7.63 17.31 1.79
N THR B 233 7.46 16.84 0.56
CA THR B 233 8.56 16.69 -0.40
C THR B 233 8.46 17.73 -1.53
N ASN B 234 7.36 18.48 -1.59
CA ASN B 234 7.17 19.49 -2.64
C ASN B 234 6.26 20.65 -2.20
N VAL B 235 6.32 21.76 -2.95
CA VAL B 235 5.55 22.97 -2.64
C VAL B 235 4.05 22.80 -2.35
N LYS B 236 3.37 21.92 -3.08
CA LYS B 236 1.93 21.71 -2.83
C LYS B 236 1.77 20.98 -1.49
N LEU B 237 2.67 20.02 -1.23
CA LEU B 237 2.67 19.30 0.02
C LEU B 237 3.06 20.20 1.18
N VAL B 238 3.94 21.19 0.96
CA VAL B 238 4.35 22.08 2.04
C VAL B 238 3.15 22.89 2.56
N ASP B 239 2.31 23.40 1.66
CA ASP B 239 1.11 24.14 2.08
C ASP B 239 0.15 23.21 2.82
N ARG B 240 0.00 21.98 2.33
CA ARG B 240 -0.85 21.00 3.03
C ARG B 240 -0.31 20.74 4.43
N ALA B 241 0.99 20.55 4.54
CA ALA B 241 1.65 20.31 5.82
C ALA B 241 1.38 21.47 6.78
N CYS B 242 1.56 22.70 6.29
N CYS B 242 1.54 22.68 6.30
CA CYS B 242 1.31 23.89 7.12
CA CYS B 242 1.30 23.82 7.13
C CYS B 242 -0.16 23.92 7.58
C CYS B 242 -0.15 23.89 7.59
N ARG B 243 -1.08 23.62 6.67
CA ARG B 243 -2.50 23.60 7.02
C ARG B 243 -2.84 22.60 8.10
N ILE B 244 -2.24 21.42 8.05
CA ILE B 244 -2.48 20.40 9.06
C ILE B 244 -1.96 20.87 10.41
N VAL B 245 -0.75 21.44 10.43
CA VAL B 245 -0.18 21.92 11.69
C VAL B 245 -1.05 23.00 12.30
N VAL B 246 -1.54 23.94 11.49
CA VAL B 246 -2.42 24.99 12.00
C VAL B 246 -3.73 24.41 12.53
N GLU B 247 -4.35 23.52 11.76
CA GLU B 247 -5.59 22.90 12.16
C GLU B 247 -5.43 22.11 13.46
N ALA B 248 -4.34 21.37 13.56
CA ALA B 248 -4.09 20.56 14.75
C ALA B 248 -3.82 21.32 16.04
N THR B 249 -3.20 22.49 15.96
CA THR B 249 -2.73 23.19 17.16
C THR B 249 -3.30 24.59 17.41
N GLY B 250 -3.93 25.17 16.41
CA GLY B 250 -4.39 26.54 16.52
C GLY B 250 -3.29 27.58 16.37
N ALA B 251 -2.07 27.15 16.03
CA ALA B 251 -0.94 28.07 15.87
C ALA B 251 -1.17 28.96 14.68
N SER B 252 -0.43 30.06 14.62
CA SER B 252 -0.50 30.92 13.47
C SER B 252 0.23 30.22 12.32
N ARG B 253 -0.05 30.66 11.10
CA ARG B 253 0.63 30.12 9.94
C ARG B 253 2.14 30.27 10.05
N VAL B 254 2.59 31.43 10.50
CA VAL B 254 4.03 31.64 10.67
C VAL B 254 4.63 30.70 11.71
N GLU B 255 3.93 30.48 12.82
CA GLU B 255 4.41 29.53 13.85
C GLU B 255 4.53 28.13 13.25
N ALA B 256 3.52 27.73 12.48
CA ALA B 256 3.53 26.42 11.83
C ALA B 256 4.70 26.30 10.84
N GLU B 257 4.88 27.32 10.00
CA GLU B 257 5.98 27.33 9.05
C GLU B 257 7.35 27.23 9.72
N ASN B 258 7.53 27.97 10.81
CA ASN B 258 8.80 27.98 11.52
C ASN B 258 9.12 26.63 12.14
N ALA B 259 8.10 25.96 12.67
CA ALA B 259 8.29 24.64 13.26
C ALA B 259 8.63 23.65 12.15
N LEU B 260 7.85 23.69 11.06
CA LEU B 260 8.10 22.77 9.92
C LEU B 260 9.46 22.95 9.31
N SER B 261 9.94 24.19 9.25
N SER B 261 9.95 24.20 9.28
CA SER B 261 11.26 24.38 8.70
CA SER B 261 11.27 24.47 8.70
C SER B 261 12.25 23.56 9.53
C SER B 261 12.39 23.84 9.56
N GLN B 262 12.12 23.63 10.85
CA GLN B 262 13.07 22.95 11.73
C GLN B 262 13.00 21.42 11.67
N THR B 263 11.86 20.88 11.26
CA THR B 263 11.71 19.41 11.21
C THR B 263 11.83 18.84 9.80
N GLU B 264 12.37 19.57 8.84
CA GLU B 264 12.37 19.12 7.44
C GLU B 264 10.95 18.81 6.97
N PHE B 265 10.01 19.60 7.45
CA PHE B 265 8.61 19.47 7.06
C PHE B 265 7.94 18.16 7.43
N GLU B 266 8.40 17.62 8.56
CA GLU B 266 7.78 16.47 9.22
C GLU B 266 6.68 17.08 10.12
N VAL B 267 5.42 16.79 9.79
CA VAL B 267 4.29 17.33 10.53
C VAL B 267 4.19 16.90 12.01
N LYS B 268 4.33 15.61 12.28
CA LYS B 268 4.22 15.17 13.67
C LYS B 268 5.10 15.85 14.66
N PRO B 269 6.42 15.86 14.42
CA PRO B 269 7.28 16.54 15.38
C PRO B 269 7.00 18.05 15.45
N ALA B 270 6.58 18.64 14.34
CA ALA B 270 6.25 20.10 14.36
C ALA B 270 5.06 20.39 15.31
N ILE B 271 4.03 19.54 15.25
CA ILE B 271 2.88 19.70 16.14
C ILE B 271 3.36 19.56 17.59
N LEU B 272 4.19 18.53 17.84
CA LEU B 272 4.70 18.31 19.18
C LEU B 272 5.55 19.48 19.69
N MET B 273 6.39 20.06 18.83
CA MET B 273 7.16 21.24 19.19
C MET B 273 6.27 22.39 19.66
N ILE B 274 5.20 22.64 18.93
CA ILE B 274 4.28 23.72 19.24
C ILE B 274 3.49 23.49 20.54
N LEU B 275 2.99 22.27 20.73
CA LEU B 275 2.20 21.98 21.93
C LEU B 275 3.03 21.84 23.19
N LYS B 276 4.21 21.22 23.06
CA LYS B 276 5.05 20.91 24.22
C LYS B 276 6.20 21.90 24.45
N GLY B 277 6.47 22.73 23.45
CA GLY B 277 7.51 23.74 23.55
C GLY B 277 8.89 23.14 23.68
N VAL B 278 9.17 22.14 22.86
CA VAL B 278 10.44 21.42 22.89
C VAL B 278 11.17 21.59 21.57
N SER B 279 12.44 21.20 21.57
CA SER B 279 13.29 21.26 20.37
C SER B 279 12.94 20.12 19.41
N VAL B 280 13.32 20.25 18.14
N VAL B 280 13.55 20.18 18.23
CA VAL B 280 13.04 19.18 17.16
CA VAL B 280 13.42 19.14 17.22
C VAL B 280 13.68 17.85 17.59
C VAL B 280 13.98 17.82 17.75
N GLU B 281 14.87 17.90 18.18
N GLU B 281 15.19 17.87 18.31
CA GLU B 281 15.56 16.69 18.65
CA GLU B 281 15.80 16.67 18.84
C GLU B 281 14.72 15.99 19.73
C GLU B 281 14.84 15.98 19.81
N GLN B 282 14.26 16.75 20.73
CA GLN B 282 13.41 16.17 21.78
C GLN B 282 12.08 15.65 21.25
N ALA B 283 11.46 16.41 20.36
CA ALA B 283 10.19 16.00 19.77
C ALA B 283 10.38 14.68 19.06
N ARG B 284 11.43 14.56 18.26
CA ARG B 284 11.68 13.32 17.54
C ARG B 284 11.93 12.17 18.51
N LEU B 285 12.67 12.44 19.57
CA LEU B 285 12.98 11.42 20.56
C LEU B 285 11.72 10.95 21.29
N ASN B 286 10.91 11.92 21.73
CA ASN B 286 9.71 11.59 22.48
C ASN B 286 8.75 10.79 21.59
N LEU B 287 8.66 11.14 20.31
CA LEU B 287 7.81 10.36 19.42
C LEU B 287 8.35 8.93 19.27
N GLN B 288 9.66 8.78 19.11
CA GLN B 288 10.24 7.45 18.96
C GLN B 288 9.97 6.62 20.22
N GLN B 289 10.09 7.26 21.39
CA GLN B 289 9.84 6.58 22.68
C GLN B 289 8.40 6.09 22.85
N HIS B 290 7.48 6.75 22.16
CA HIS B 290 6.07 6.42 22.23
C HIS B 290 5.51 5.83 20.92
N ASN B 291 6.38 5.18 20.15
CA ASN B 291 5.94 4.51 18.94
C ASN B 291 5.14 5.40 17.98
N GLY B 292 5.54 6.66 17.85
CA GLY B 292 4.92 7.58 16.94
C GLY B 292 3.53 8.07 17.29
N TYR B 293 3.07 7.79 18.51
CA TYR B 293 1.67 8.12 18.93
C TYR B 293 1.75 9.49 19.59
N LEU B 294 1.37 10.52 18.85
N LEU B 294 1.35 10.51 18.85
CA LEU B 294 1.54 11.90 19.32
CA LEU B 294 1.54 11.89 19.29
C LEU B 294 0.96 12.18 20.70
C LEU B 294 0.93 12.23 20.66
N ARG B 295 -0.29 11.78 20.93
CA ARG B 295 -0.92 12.04 22.23
C ARG B 295 -0.06 11.51 23.42
N ALA B 296 0.57 10.35 23.22
CA ALA B 296 1.37 9.72 24.28
C ALA B 296 2.67 10.47 24.55
N ALA B 297 3.12 11.23 23.57
CA ALA B 297 4.37 12.00 23.67
C ALA B 297 4.18 13.42 24.21
N LEU B 298 2.94 13.80 24.50
CA LEU B 298 2.66 15.16 25.01
C LEU B 298 3.18 15.35 26.44
N SER C 11 -11.36 22.62 8.89
CA SER C 11 -12.37 22.39 9.98
C SER C 11 -13.74 22.01 9.41
N GLU C 12 -14.01 22.40 8.17
CA GLU C 12 -15.28 22.11 7.51
C GLU C 12 -15.42 20.63 7.24
N SER C 13 -14.28 19.94 7.18
CA SER C 13 -14.24 18.52 6.92
C SER C 13 -14.09 17.71 8.21
N ARG C 14 -14.09 18.38 9.37
CA ARG C 14 -13.89 17.66 10.63
C ARG C 14 -15.18 17.30 11.36
N ASN C 15 -15.22 16.05 11.81
CA ASN C 15 -16.37 15.54 12.53
C ASN C 15 -16.30 15.92 14.01
N PRO C 16 -17.28 16.68 14.48
CA PRO C 16 -17.21 17.08 15.88
C PRO C 16 -17.37 15.93 16.88
N ASP C 17 -17.86 14.78 16.44
CA ASP C 17 -18.08 13.64 17.34
C ASP C 17 -16.89 12.68 17.38
N THR C 18 -15.83 12.97 16.62
CA THR C 18 -14.63 12.12 16.67
C THR C 18 -13.35 12.90 17.00
N MET C 19 -13.51 14.10 17.56
CA MET C 19 -12.33 14.91 17.91
C MET C 19 -11.43 14.21 18.94
N ASP C 20 -12.00 13.24 19.68
CA ASP C 20 -11.30 12.49 20.72
C ASP C 20 -10.91 11.10 20.23
N LEU C 21 -10.93 10.88 18.91
CA LEU C 21 -10.68 9.52 18.34
C LEU C 21 -9.41 8.82 18.87
N ASP C 22 -8.34 9.60 19.01
CA ASP C 22 -7.05 9.08 19.48
C ASP C 22 -6.95 8.81 20.99
N THR C 23 -8.02 9.12 21.75
CA THR C 23 -8.02 8.88 23.19
C THR C 23 -8.74 7.60 23.55
N LEU C 24 -9.35 6.96 22.56
CA LEU C 24 -10.26 5.84 22.84
C LEU C 24 -9.67 4.48 22.79
N SER C 25 -10.29 3.56 23.51
CA SER C 25 -9.93 2.15 23.38
C SER C 25 -10.25 1.72 21.95
N THR C 26 -9.70 0.58 21.55
CA THR C 26 -9.99 0.05 20.21
C THR C 26 -11.51 -0.14 20.05
N LEU C 27 -12.14 -0.71 21.07
CA LEU C 27 -13.58 -0.95 21.03
C LEU C 27 -14.37 0.34 20.77
N GLU C 28 -14.07 1.38 21.56
N GLU C 28 -14.09 1.38 21.54
CA GLU C 28 -14.74 2.68 21.48
CA GLU C 28 -14.84 2.64 21.39
C GLU C 28 -14.48 3.35 20.14
C GLU C 28 -14.48 3.40 20.13
N MET C 29 -13.24 3.27 19.67
CA MET C 29 -12.88 3.87 18.40
C MET C 29 -13.67 3.23 17.26
N LEU C 30 -13.77 1.91 17.26
CA LEU C 30 -14.53 1.22 16.23
C LEU C 30 -16.03 1.54 16.31
N THR C 31 -16.54 1.72 17.54
CA THR C 31 -17.94 2.09 17.74
C THR C 31 -18.21 3.48 17.11
N ARG C 32 -17.27 4.42 17.24
CA ARG C 32 -17.43 5.74 16.57
C ARG C 32 -17.46 5.59 15.06
N ILE C 33 -16.63 4.71 14.51
CA ILE C 33 -16.63 4.45 13.08
C ILE C 33 -17.99 3.88 12.66
N ASN C 34 -18.51 2.94 13.42
CA ASN C 34 -19.82 2.32 13.12
C ASN C 34 -20.96 3.33 13.24
N ASP C 35 -20.85 4.24 14.23
CA ASP C 35 -21.86 5.31 14.41
C ASP C 35 -21.99 6.08 13.10
N GLU C 36 -20.86 6.34 12.44
CA GLU C 36 -20.90 7.05 11.17
C GLU C 36 -21.49 6.17 10.05
N ASP C 37 -21.10 4.90 10.01
CA ASP C 37 -21.61 3.99 8.99
C ASP C 37 -23.13 3.88 9.04
N ARG C 38 -23.70 3.92 10.24
N ARG C 38 -23.68 3.94 10.26
CA ARG C 38 -25.15 3.87 10.44
CA ARG C 38 -25.13 3.87 10.49
C ARG C 38 -25.86 4.99 9.67
C ARG C 38 -25.89 5.05 9.84
N LYS C 39 -25.17 6.09 9.40
CA LYS C 39 -25.79 7.24 8.72
C LYS C 39 -25.98 7.05 7.24
N VAL C 40 -25.26 6.09 6.66
CA VAL C 40 -25.23 5.99 5.19
C VAL C 40 -26.53 5.49 4.53
N PRO C 41 -27.11 4.39 5.02
CA PRO C 41 -28.37 3.97 4.39
C PRO C 41 -29.49 5.02 4.41
N GLU C 42 -29.61 5.81 5.47
CA GLU C 42 -30.62 6.89 5.53
C GLU C 42 -30.31 8.00 4.52
N ALA C 43 -29.02 8.32 4.34
CA ALA C 43 -28.62 9.34 3.37
C ALA C 43 -29.01 8.86 1.97
N ILE C 44 -28.86 7.58 1.72
CA ILE C 44 -29.30 7.03 0.44
C ILE C 44 -30.83 7.05 0.28
N ARG C 45 -31.54 6.72 1.36
CA ARG C 45 -32.99 6.65 1.29
C ARG C 45 -33.55 7.99 0.78
N LEU C 46 -32.98 9.09 1.29
CA LEU C 46 -33.46 10.43 0.85
C LEU C 46 -33.31 10.72 -0.64
N VAL C 47 -32.38 10.05 -1.30
CA VAL C 47 -32.15 10.29 -2.74
C VAL C 47 -32.65 9.16 -3.65
N ILE C 48 -33.47 8.26 -3.10
CA ILE C 48 -34.06 7.20 -3.95
C ILE C 48 -34.78 7.73 -5.21
N PRO C 49 -35.55 8.85 -5.09
CA PRO C 49 -36.25 9.30 -6.31
C PRO C 49 -35.29 9.63 -7.46
N ASN C 50 -34.11 10.16 -7.13
CA ASN C 50 -33.12 10.49 -8.14
C ASN C 50 -32.48 9.22 -8.69
N ILE C 51 -32.22 8.26 -7.80
CA ILE C 51 -31.65 7.00 -8.25
C ILE C 51 -32.66 6.31 -9.18
N ALA C 52 -33.97 6.39 -8.87
CA ALA C 52 -35.02 5.81 -9.72
C ALA C 52 -35.00 6.42 -11.11
N GLN C 53 -34.84 7.74 -11.20
N GLN C 53 -34.82 7.74 -11.17
CA GLN C 53 -34.77 8.40 -12.50
CA GLN C 53 -34.74 8.47 -12.44
C GLN C 53 -33.59 7.83 -13.28
C GLN C 53 -33.56 7.95 -13.28
N ALA C 54 -32.44 7.69 -12.61
CA ALA C 54 -31.26 7.15 -13.27
C ALA C 54 -31.44 5.71 -13.74
N VAL C 55 -32.10 4.88 -12.91
CA VAL C 55 -32.34 3.49 -13.28
C VAL C 55 -33.20 3.47 -14.56
N ASP C 56 -34.25 4.27 -14.61
CA ASP C 56 -35.09 4.27 -15.79
C ASP C 56 -34.32 4.69 -17.05
N LEU C 57 -33.47 5.70 -16.93
CA LEU C 57 -32.60 6.11 -18.04
C LEU C 57 -31.60 5.03 -18.44
N ALA C 58 -31.02 4.32 -17.47
CA ALA C 58 -30.05 3.25 -17.77
C ALA C 58 -30.73 2.07 -18.48
N ALA C 59 -31.92 1.72 -18.02
CA ALA C 59 -32.64 0.62 -18.64
C ALA C 59 -33.00 0.96 -20.08
N LYS C 60 -33.38 2.20 -20.33
N LYS C 60 -33.38 2.20 -20.33
CA LYS C 60 -33.72 2.61 -21.70
CA LYS C 60 -33.74 2.62 -21.69
C LYS C 60 -32.47 2.53 -22.58
C LYS C 60 -32.50 2.62 -22.60
N ALA C 61 -31.36 3.05 -22.06
CA ALA C 61 -30.10 3.05 -22.81
C ALA C 61 -29.72 1.61 -23.20
N LEU C 62 -29.78 0.71 -22.23
CA LEU C 62 -29.40 -0.67 -22.49
C LEU C 62 -30.38 -1.36 -23.42
N ARG C 63 -31.67 -1.09 -23.25
CA ARG C 63 -32.69 -1.72 -24.11
C ARG C 63 -32.50 -1.32 -25.57
N ASP C 64 -32.06 -0.08 -25.76
CA ASP C 64 -31.85 0.51 -27.09
C ASP C 64 -30.47 0.22 -27.71
N GLY C 65 -29.69 -0.65 -27.07
CA GLY C 65 -28.40 -1.08 -27.61
C GLY C 65 -27.22 -0.26 -27.15
N GLY C 66 -27.46 0.67 -26.25
CA GLY C 66 -26.39 1.48 -25.68
C GLY C 66 -25.79 0.80 -24.46
N ARG C 67 -24.87 1.51 -23.83
CA ARG C 67 -24.15 1.03 -22.64
C ARG C 67 -24.33 1.90 -21.44
N LEU C 68 -24.07 1.33 -20.26
CA LEU C 68 -24.07 2.08 -19.01
C LEU C 68 -22.59 2.21 -18.66
N ILE C 69 -22.11 3.45 -18.64
CA ILE C 69 -20.69 3.73 -18.47
C ILE C 69 -20.46 4.55 -17.20
N TYR C 70 -19.69 3.99 -16.27
CA TYR C 70 -19.33 4.70 -15.06
C TYR C 70 -17.92 5.27 -15.24
N LEU C 71 -17.66 6.42 -14.64
CA LEU C 71 -16.32 7.00 -14.69
C LEU C 71 -16.01 7.78 -13.41
N GLY C 72 -14.76 7.71 -12.99
CA GLY C 72 -14.31 8.40 -11.79
C GLY C 72 -12.81 8.26 -11.64
N ALA C 73 -12.24 9.00 -10.71
CA ALA C 73 -10.83 8.85 -10.32
C ALA C 73 -10.72 8.16 -8.97
N GLY C 74 -9.57 7.56 -8.68
CA GLY C 74 -9.36 6.94 -7.38
C GLY C 74 -10.44 5.96 -6.92
N THR C 75 -10.81 6.04 -5.65
CA THR C 75 -11.83 5.16 -5.07
C THR C 75 -13.11 5.15 -5.91
N SER C 76 -13.60 6.33 -6.29
CA SER C 76 -14.83 6.40 -7.07
C SER C 76 -14.71 5.59 -8.37
N GLY C 77 -13.62 5.77 -9.09
CA GLY C 77 -13.39 5.00 -10.32
C GLY C 77 -13.29 3.51 -10.03
N ARG C 78 -12.58 3.17 -8.95
CA ARG C 78 -12.41 1.76 -8.61
C ARG C 78 -13.76 1.10 -8.29
N LEU C 79 -14.65 1.83 -7.62
CA LEU C 79 -15.96 1.28 -7.29
C LEU C 79 -16.78 1.07 -8.53
N GLY C 80 -16.67 1.98 -9.52
CA GLY C 80 -17.40 1.75 -10.78
C GLY C 80 -16.89 0.49 -11.50
N VAL C 81 -15.59 0.32 -11.51
CA VAL C 81 -14.99 -0.85 -12.14
C VAL C 81 -15.47 -2.13 -11.43
N LEU C 82 -15.54 -2.08 -10.10
CA LEU C 82 -16.00 -3.25 -9.36
C LEU C 82 -17.46 -3.59 -9.74
N ASP C 83 -18.34 -2.60 -9.69
CA ASP C 83 -19.75 -2.87 -10.04
C ASP C 83 -19.88 -3.38 -11.48
N ALA C 84 -19.18 -2.77 -12.44
CA ALA C 84 -19.26 -3.21 -13.83
C ALA C 84 -18.74 -4.64 -13.95
N SER C 85 -17.67 -4.97 -13.22
CA SER C 85 -17.07 -6.31 -13.30
C SER C 85 -17.98 -7.44 -12.81
N GLU C 86 -18.92 -7.09 -11.93
CA GLU C 86 -19.83 -8.05 -11.37
C GLU C 86 -21.02 -8.32 -12.27
N CYS C 87 -21.27 -7.47 -13.25
CA CYS C 87 -22.49 -7.64 -14.06
C CYS C 87 -22.51 -8.89 -14.94
N PRO C 88 -21.42 -9.20 -15.66
CA PRO C 88 -21.52 -10.42 -16.47
C PRO C 88 -21.80 -11.72 -15.66
N PRO C 89 -21.09 -11.95 -14.53
CA PRO C 89 -21.38 -13.16 -13.81
C PRO C 89 -22.73 -13.11 -13.05
N THR C 90 -23.18 -11.92 -12.65
CA THR C 90 -24.44 -11.85 -11.89
C THR C 90 -25.68 -11.94 -12.78
N PHE C 91 -25.62 -11.33 -13.94
CA PHE C 91 -26.79 -11.20 -14.82
C PHE C 91 -26.67 -11.93 -16.15
N GLY C 92 -25.53 -12.53 -16.44
CA GLY C 92 -25.37 -13.28 -17.69
C GLY C 92 -25.23 -12.39 -18.91
N VAL C 93 -24.86 -11.13 -18.71
CA VAL C 93 -24.68 -10.20 -19.81
C VAL C 93 -23.25 -10.31 -20.35
N PRO C 94 -23.06 -10.01 -21.63
CA PRO C 94 -21.70 -10.03 -22.14
C PRO C 94 -20.91 -8.86 -21.59
N HIS C 95 -19.60 -8.95 -21.70
CA HIS C 95 -18.75 -7.86 -21.34
C HIS C 95 -19.01 -6.74 -22.34
N GLY C 96 -18.77 -5.51 -21.90
CA GLY C 96 -18.95 -4.34 -22.78
C GLY C 96 -20.31 -3.64 -22.71
N ARG C 97 -21.22 -4.13 -21.89
N ARG C 97 -21.22 -4.15 -21.90
CA ARG C 97 -22.54 -3.53 -21.74
CA ARG C 97 -22.55 -3.58 -21.74
C ARG C 97 -22.54 -2.51 -20.60
C ARG C 97 -22.54 -2.54 -20.61
N VAL C 98 -21.93 -2.92 -19.48
CA VAL C 98 -21.74 -2.03 -18.33
C VAL C 98 -20.20 -1.91 -18.23
N ILE C 99 -19.72 -0.67 -18.32
CA ILE C 99 -18.30 -0.36 -18.34
C ILE C 99 -17.92 0.58 -17.23
N GLY C 100 -16.75 0.34 -16.63
CA GLY C 100 -16.22 1.26 -15.66
C GLY C 100 -14.88 1.82 -16.11
N LEU C 101 -14.77 3.15 -16.15
CA LEU C 101 -13.53 3.83 -16.49
C LEU C 101 -12.91 4.49 -15.28
N ILE C 102 -11.60 4.45 -15.18
N ILE C 102 -11.59 4.47 -15.23
CA ILE C 102 -10.90 5.16 -14.12
CA ILE C 102 -10.83 5.11 -14.18
C ILE C 102 -9.87 6.09 -14.73
C ILE C 102 -9.88 6.13 -14.79
N ALA C 103 -9.82 7.32 -14.22
CA ALA C 103 -8.88 8.36 -14.72
C ALA C 103 -7.47 7.84 -14.69
N GLY C 104 -6.81 7.85 -15.83
CA GLY C 104 -5.43 7.36 -15.89
C GLY C 104 -5.32 6.01 -16.55
N GLY C 105 -6.46 5.34 -16.73
CA GLY C 105 -6.52 4.06 -17.43
C GLY C 105 -6.49 2.89 -16.48
N PRO C 106 -6.61 1.67 -17.02
CA PRO C 106 -6.61 0.45 -16.22
C PRO C 106 -5.50 0.38 -15.16
N GLY C 107 -4.33 0.96 -15.45
CA GLY C 107 -3.21 1.01 -14.50
C GLY C 107 -3.60 1.72 -13.20
N ALA C 108 -4.48 2.72 -13.31
CA ALA C 108 -4.97 3.49 -12.15
C ALA C 108 -5.69 2.62 -11.08
N LEU C 109 -6.14 1.43 -11.45
CA LEU C 109 -6.69 0.51 -10.46
C LEU C 109 -5.59 0.24 -9.43
N LEU C 110 -4.38 -0.04 -9.94
CA LEU C 110 -3.19 -0.35 -9.12
C LEU C 110 -2.75 0.85 -8.31
N LYS C 111 -2.32 1.91 -9.00
CA LYS C 111 -2.00 3.18 -8.36
C LYS C 111 -2.33 4.33 -9.30
N ALA C 112 -2.71 5.45 -8.70
CA ALA C 112 -3.13 6.65 -9.43
C ALA C 112 -2.07 7.14 -10.40
N VAL C 113 -2.56 7.65 -11.55
CA VAL C 113 -1.70 8.24 -12.58
C VAL C 113 -1.61 9.73 -12.28
N GLU C 114 -0.40 10.25 -12.13
CA GLU C 114 -0.18 11.66 -11.75
C GLU C 114 -0.94 12.67 -12.63
N GLY C 115 -1.75 13.49 -11.97
CA GLY C 115 -2.52 14.56 -12.61
C GLY C 115 -3.77 14.15 -13.36
N ALA C 116 -4.00 12.84 -13.52
CA ALA C 116 -5.14 12.38 -14.34
C ALA C 116 -6.46 12.88 -13.79
N GLU C 117 -6.61 12.86 -12.47
CA GLU C 117 -7.86 13.31 -11.86
C GLU C 117 -8.13 14.78 -12.15
N ASP C 118 -7.09 15.56 -12.43
CA ASP C 118 -7.22 16.98 -12.68
C ASP C 118 -7.23 17.35 -14.17
N ASP C 119 -7.22 16.34 -15.04
CA ASP C 119 -7.19 16.58 -16.49
C ASP C 119 -8.59 16.80 -17.03
N VAL C 120 -8.89 18.04 -17.40
CA VAL C 120 -10.22 18.43 -17.85
C VAL C 120 -10.58 17.95 -19.26
N SER C 121 -9.60 17.41 -20.00
CA SER C 121 -9.83 16.94 -21.38
C SER C 121 -9.68 15.43 -21.54
N LEU C 122 -9.23 14.74 -20.49
CA LEU C 122 -8.96 13.31 -20.56
C LEU C 122 -10.23 12.47 -20.65
N GLY C 123 -11.27 12.88 -19.95
CA GLY C 123 -12.53 12.12 -19.98
C GLY C 123 -13.09 12.03 -21.38
N GLU C 124 -13.06 13.16 -22.07
CA GLU C 124 -13.53 13.17 -23.45
C GLU C 124 -12.67 12.25 -24.32
N ARG C 125 -11.35 12.27 -24.13
CA ARG C 125 -10.51 11.36 -24.92
C ARG C 125 -10.90 9.90 -24.66
N ASP C 126 -11.06 9.52 -23.40
CA ASP C 126 -11.47 8.17 -23.01
C ASP C 126 -12.80 7.78 -23.66
N LEU C 127 -13.77 8.68 -23.61
CA LEU C 127 -15.10 8.40 -24.18
C LEU C 127 -15.08 8.30 -25.71
N ARG C 128 -14.29 9.15 -26.38
CA ARG C 128 -14.20 9.06 -27.83
C ARG C 128 -13.62 7.71 -28.25
N ASP C 129 -12.67 7.22 -27.47
CA ASP C 129 -12.02 5.97 -27.80
C ASP C 129 -12.91 4.75 -27.60
N LEU C 130 -14.03 4.91 -26.90
CA LEU C 130 -14.99 3.82 -26.81
C LEU C 130 -16.21 4.09 -27.71
N GLN C 131 -16.06 5.02 -28.65
CA GLN C 131 -17.13 5.33 -29.61
C GLN C 131 -18.46 5.70 -28.90
N LEU C 132 -18.37 6.62 -27.93
CA LEU C 132 -19.54 7.10 -27.23
C LEU C 132 -20.58 7.63 -28.20
N THR C 133 -21.84 7.24 -28.01
N THR C 133 -21.84 7.29 -27.95
CA THR C 133 -22.96 7.76 -28.80
CA THR C 133 -22.97 7.71 -28.76
C THR C 133 -24.00 8.31 -27.81
C THR C 133 -24.07 8.21 -27.84
N ALA C 134 -24.95 9.07 -28.34
CA ALA C 134 -26.04 9.64 -27.54
C ALA C 134 -26.92 8.61 -26.83
N THR C 135 -26.98 7.39 -27.35
CA THR C 135 -27.76 6.32 -26.75
C THR C 135 -27.14 5.82 -25.43
N ASP C 136 -25.82 5.92 -25.30
CA ASP C 136 -25.13 5.49 -24.10
C ASP C 136 -25.44 6.44 -22.95
N MET C 137 -25.45 5.89 -21.73
CA MET C 137 -25.67 6.66 -20.49
C MET C 137 -24.35 6.74 -19.77
N VAL C 138 -23.98 7.96 -19.35
CA VAL C 138 -22.73 8.19 -18.66
C VAL C 138 -22.98 8.65 -17.22
N VAL C 139 -22.36 7.94 -16.29
CA VAL C 139 -22.49 8.22 -14.87
C VAL C 139 -21.11 8.61 -14.30
N GLY C 140 -21.01 9.83 -13.77
CA GLY C 140 -19.76 10.28 -13.17
C GLY C 140 -19.85 10.20 -11.66
N LEU C 141 -18.76 9.76 -11.04
CA LEU C 141 -18.69 9.61 -9.60
C LEU C 141 -17.52 10.34 -9.00
N ALA C 142 -17.79 11.07 -7.93
CA ALA C 142 -16.75 11.78 -7.16
C ALA C 142 -17.33 12.19 -5.79
N ALA C 143 -16.68 11.80 -4.70
CA ALA C 143 -17.23 12.10 -3.37
C ALA C 143 -17.48 13.60 -3.23
N SER C 144 -16.50 14.42 -3.61
CA SER C 144 -16.58 15.88 -3.50
C SER C 144 -17.44 16.48 -4.58
N GLY C 145 -17.57 15.75 -5.69
CA GLY C 145 -18.27 16.28 -6.86
C GLY C 145 -17.49 17.35 -7.61
N ARG C 146 -16.19 17.51 -7.29
N ARG C 146 -16.20 17.52 -7.29
CA ARG C 146 -15.35 18.57 -7.88
CA ARG C 146 -15.37 18.57 -7.91
C ARG C 146 -14.20 18.08 -8.75
C ARG C 146 -14.31 18.08 -8.88
N THR C 147 -14.07 16.77 -8.92
CA THR C 147 -12.98 16.19 -9.73
C THR C 147 -12.99 16.66 -11.19
N PRO C 148 -11.94 17.41 -11.64
CA PRO C 148 -12.00 17.94 -13.00
C PRO C 148 -12.16 16.87 -14.08
N TYR C 149 -11.57 15.71 -13.88
CA TYR C 149 -11.72 14.63 -14.83
C TYR C 149 -13.19 14.35 -15.09
N VAL C 150 -13.96 14.27 -14.03
CA VAL C 150 -15.36 13.91 -14.14
C VAL C 150 -16.20 15.06 -14.71
N ILE C 151 -15.91 16.27 -14.26
CA ILE C 151 -16.62 17.45 -14.78
C ILE C 151 -16.49 17.48 -16.31
N GLY C 152 -15.27 17.35 -16.82
CA GLY C 152 -15.06 17.37 -18.25
C GLY C 152 -15.75 16.24 -18.98
N ALA C 153 -15.65 15.03 -18.44
CA ALA C 153 -16.29 13.90 -19.07
C ALA C 153 -17.80 14.07 -19.19
N LEU C 154 -18.45 14.53 -18.12
CA LEU C 154 -19.90 14.69 -18.15
C LEU C 154 -20.33 15.83 -19.10
N ARG C 155 -19.54 16.90 -19.16
CA ARG C 155 -19.85 18.01 -20.08
C ARG C 155 -19.83 17.48 -21.51
N PHE C 156 -18.83 16.66 -21.83
CA PHE C 156 -18.71 16.11 -23.19
C PHE C 156 -19.89 15.18 -23.51
N ALA C 157 -20.22 14.30 -22.57
CA ALA C 157 -21.30 13.37 -22.84
C ALA C 157 -22.64 14.08 -23.00
N ARG C 158 -22.89 15.09 -22.18
CA ARG C 158 -24.15 15.80 -22.20
C ARG C 158 -24.33 16.54 -23.50
N GLN C 159 -23.26 17.13 -24.02
N GLN C 159 -23.25 17.12 -24.03
CA GLN C 159 -23.34 17.89 -25.28
CA GLN C 159 -23.30 17.89 -25.29
C GLN C 159 -23.52 16.96 -26.49
C GLN C 159 -23.33 16.99 -26.54
N LEU C 160 -23.13 15.69 -26.34
CA LEU C 160 -23.28 14.71 -27.41
C LEU C 160 -24.76 14.28 -27.42
N GLY C 161 -25.47 14.51 -26.32
CA GLY C 161 -26.85 14.13 -26.19
C GLY C 161 -27.11 12.95 -25.31
N CYS C 162 -26.08 12.44 -24.63
CA CYS C 162 -26.24 11.33 -23.72
C CYS C 162 -26.98 11.68 -22.47
N PRO C 163 -27.82 10.75 -21.96
CA PRO C 163 -28.34 10.97 -20.63
C PRO C 163 -27.14 10.84 -19.65
N THR C 164 -27.13 11.65 -18.62
CA THR C 164 -26.02 11.66 -17.65
C THR C 164 -26.51 11.67 -16.21
N ALA C 165 -25.75 11.04 -15.34
CA ALA C 165 -26.03 11.14 -13.92
C ALA C 165 -24.74 11.44 -13.18
N ALA C 166 -24.84 12.12 -12.04
CA ALA C 166 -23.69 12.44 -11.20
C ALA C 166 -23.93 11.91 -9.80
N ILE C 167 -22.98 11.14 -9.28
CA ILE C 167 -23.05 10.61 -7.93
C ILE C 167 -21.95 11.29 -7.11
N SER C 168 -22.37 12.08 -6.14
CA SER C 168 -21.47 12.80 -5.24
C SER C 168 -22.14 12.91 -3.91
N CYS C 169 -21.41 13.45 -2.94
CA CYS C 169 -21.98 13.63 -1.62
C CYS C 169 -22.23 15.09 -1.31
N ASN C 170 -22.39 15.92 -2.36
CA ASN C 170 -22.68 17.33 -2.16
C ASN C 170 -23.57 17.83 -3.30
N PRO C 171 -24.83 18.16 -3.01
CA PRO C 171 -25.72 18.59 -4.08
C PRO C 171 -25.35 19.95 -4.68
N ASP C 172 -24.47 20.70 -4.00
CA ASP C 172 -24.01 22.01 -4.50
C ASP C 172 -22.78 21.86 -5.41
N SER C 173 -22.27 20.65 -5.57
CA SER C 173 -21.03 20.42 -6.31
C SER C 173 -21.13 20.64 -7.82
N PRO C 174 -19.98 20.88 -8.46
CA PRO C 174 -20.01 21.05 -9.92
C PRO C 174 -20.67 19.91 -10.69
N ILE C 175 -20.32 18.64 -10.41
CA ILE C 175 -20.97 17.57 -11.18
C ILE C 175 -22.48 17.45 -10.90
N ALA C 176 -22.90 17.72 -9.67
CA ALA C 176 -24.31 17.68 -9.36
C ALA C 176 -25.10 18.77 -10.10
N GLN C 177 -24.50 19.95 -10.17
N GLN C 177 -24.54 19.96 -10.15
CA GLN C 177 -25.15 21.11 -10.78
CA GLN C 177 -25.23 21.06 -10.80
C GLN C 177 -25.22 21.04 -12.29
C GLN C 177 -25.37 20.88 -12.30
N GLU C 178 -24.42 20.16 -12.89
CA GLU C 178 -24.39 20.00 -14.32
C GLU C 178 -25.02 18.73 -14.94
N ALA C 179 -25.23 17.65 -14.18
CA ALA C 179 -25.82 16.42 -14.74
C ALA C 179 -27.32 16.47 -14.88
N LEU C 180 -27.87 15.60 -15.73
CA LEU C 180 -29.31 15.53 -15.93
C LEU C 180 -29.96 15.08 -14.62
N VAL C 181 -29.36 14.05 -14.04
CA VAL C 181 -29.81 13.48 -12.78
C VAL C 181 -28.68 13.56 -11.79
N ALA C 182 -28.89 14.25 -10.68
CA ALA C 182 -27.93 14.34 -9.61
C ALA C 182 -28.37 13.45 -8.45
N ILE C 183 -27.51 12.52 -8.05
CA ILE C 183 -27.71 11.62 -6.93
C ILE C 183 -26.70 12.09 -5.89
N SER C 184 -27.19 12.73 -4.83
CA SER C 184 -26.33 13.48 -3.92
C SER C 184 -26.54 13.16 -2.44
N PRO C 185 -26.27 11.90 -2.06
CA PRO C 185 -26.43 11.56 -0.62
C PRO C 185 -25.46 12.32 0.28
N VAL C 186 -25.99 12.99 1.28
CA VAL C 186 -25.19 13.78 2.22
C VAL C 186 -24.88 12.93 3.43
N VAL C 187 -23.61 12.57 3.57
CA VAL C 187 -23.19 11.63 4.63
C VAL C 187 -22.49 12.30 5.82
N GLY C 188 -22.06 13.55 5.65
CA GLY C 188 -21.38 14.29 6.71
C GLY C 188 -19.89 13.99 6.78
N PRO C 189 -19.19 14.70 7.67
CA PRO C 189 -17.74 14.53 7.80
C PRO C 189 -17.35 13.13 8.26
N GLU C 190 -16.22 12.66 7.73
CA GLU C 190 -15.77 11.30 8.01
C GLU C 190 -15.20 11.19 9.42
N ALA C 191 -15.22 9.98 9.98
CA ALA C 191 -14.67 9.78 11.33
C ALA C 191 -13.20 10.19 11.40
N LEU C 192 -12.43 9.83 10.39
CA LEU C 192 -11.06 10.30 10.23
C LEU C 192 -11.15 11.35 9.13
N THR C 193 -10.74 12.58 9.46
CA THR C 193 -10.87 13.70 8.52
C THR C 193 -10.29 13.41 7.14
N GLY C 194 -11.11 13.60 6.12
CA GLY C 194 -10.70 13.38 4.74
C GLY C 194 -10.74 11.93 4.25
N SER C 195 -11.14 10.99 5.10
CA SER C 195 -11.22 9.58 4.68
C SER C 195 -12.53 9.30 3.94
N THR C 196 -12.71 9.95 2.81
CA THR C 196 -13.95 9.80 2.03
C THR C 196 -14.11 8.40 1.45
N ARG C 197 -13.07 7.58 1.51
CA ARG C 197 -13.21 6.20 1.10
C ARG C 197 -14.18 5.46 1.98
N MET C 198 -14.43 6.01 3.18
N MET C 198 -14.51 6.00 3.15
CA MET C 198 -15.30 5.43 4.19
CA MET C 198 -15.41 5.31 4.08
C MET C 198 -16.77 5.69 3.85
C MET C 198 -16.87 5.62 3.85
N LYS C 199 -17.46 6.58 4.55
CA LYS C 199 -18.89 6.81 4.27
C LYS C 199 -19.19 7.16 2.82
N SER C 200 -18.41 8.05 2.22
CA SER C 200 -18.72 8.49 0.85
C SER C 200 -18.54 7.35 -0.11
N GLY C 201 -17.50 6.53 0.12
CA GLY C 201 -17.24 5.34 -0.70
C GLY C 201 -18.39 4.33 -0.55
N THR C 202 -18.79 4.10 0.68
CA THR C 202 -19.91 3.19 0.92
C THR C 202 -21.17 3.69 0.16
N ALA C 203 -21.46 4.98 0.27
CA ALA C 203 -22.61 5.52 -0.41
C ALA C 203 -22.53 5.28 -1.92
N GLN C 204 -21.36 5.51 -2.50
CA GLN C 204 -21.19 5.28 -3.93
C GLN C 204 -21.42 3.83 -4.30
N LYS C 205 -20.88 2.89 -3.52
CA LYS C 205 -21.11 1.46 -3.79
C LYS C 205 -22.62 1.16 -3.74
N LEU C 206 -23.29 1.64 -2.71
CA LEU C 206 -24.75 1.36 -2.57
C LEU C 206 -25.50 1.90 -3.78
N VAL C 207 -25.15 3.09 -4.24
CA VAL C 207 -25.85 3.65 -5.39
C VAL C 207 -25.56 2.83 -6.68
N LEU C 208 -24.31 2.50 -6.89
CA LEU C 208 -23.93 1.71 -8.10
C LEU C 208 -24.66 0.39 -8.09
N ASN C 209 -24.72 -0.29 -6.93
CA ASN C 209 -25.38 -1.59 -6.87
C ASN C 209 -26.91 -1.45 -7.16
N MET C 210 -27.50 -0.35 -6.72
CA MET C 210 -28.89 -0.05 -7.03
C MET C 210 -29.10 0.23 -8.51
N LEU C 211 -28.18 0.97 -9.13
N LEU C 211 -28.18 0.97 -9.11
CA LEU C 211 -28.29 1.29 -10.57
CA LEU C 211 -28.29 1.33 -10.51
C LEU C 211 -28.24 0.04 -11.42
C LEU C 211 -28.19 0.10 -11.44
N SER C 212 -27.21 -0.77 -11.23
CA SER C 212 -27.05 -1.96 -12.06
C SER C 212 -28.13 -3.00 -11.74
N THR C 213 -28.38 -3.27 -10.47
CA THR C 213 -29.43 -4.27 -10.14
C THR C 213 -30.81 -3.75 -10.59
N GLY C 214 -31.10 -2.47 -10.35
CA GLY C 214 -32.36 -1.87 -10.78
C GLY C 214 -32.56 -1.95 -12.26
N ALA C 215 -31.53 -1.56 -13.04
CA ALA C 215 -31.66 -1.62 -14.49
C ALA C 215 -31.89 -3.01 -15.01
N MET C 216 -31.20 -3.99 -14.42
CA MET C 216 -31.37 -5.40 -14.80
C MET C 216 -32.77 -5.93 -14.49
N VAL C 217 -33.33 -5.51 -13.37
CA VAL C 217 -34.74 -5.87 -13.09
C VAL C 217 -35.65 -5.25 -14.15
N LYS C 218 -35.42 -3.99 -14.52
N LYS C 218 -35.43 -3.98 -14.48
CA LYS C 218 -36.30 -3.34 -15.50
CA LYS C 218 -36.25 -3.30 -15.50
C LYS C 218 -36.17 -4.02 -16.86
C LYS C 218 -36.08 -3.89 -16.90
N LEU C 219 -35.04 -4.68 -17.11
CA LEU C 219 -34.78 -5.35 -18.39
C LEU C 219 -35.27 -6.78 -18.46
N GLY C 220 -35.88 -7.26 -17.41
CA GLY C 220 -36.48 -8.61 -17.45
C GLY C 220 -35.62 -9.78 -17.01
N LYS C 221 -34.53 -9.50 -16.31
CA LYS C 221 -33.62 -10.56 -15.88
C LYS C 221 -34.11 -11.29 -14.64
N VAL C 222 -35.11 -10.71 -13.98
CA VAL C 222 -35.54 -11.20 -12.68
C VAL C 222 -37.02 -11.52 -12.58
N TYR C 223 -37.32 -12.66 -11.97
CA TYR C 223 -38.71 -13.04 -11.64
C TYR C 223 -38.72 -13.11 -10.10
N GLN C 224 -39.63 -12.35 -9.48
CA GLN C 224 -39.68 -12.18 -8.01
C GLN C 224 -38.31 -11.67 -7.58
N ASN C 225 -37.51 -12.48 -6.87
CA ASN C 225 -36.17 -12.12 -6.45
C ASN C 225 -35.12 -13.14 -6.94
N LEU C 226 -35.44 -13.77 -8.08
CA LEU C 226 -34.56 -14.75 -8.70
C LEU C 226 -34.04 -14.24 -10.04
N MET C 227 -32.74 -14.40 -10.27
CA MET C 227 -32.17 -14.02 -11.57
C MET C 227 -32.42 -15.24 -12.47
N VAL C 228 -33.35 -15.10 -13.42
CA VAL C 228 -33.82 -16.25 -14.23
C VAL C 228 -33.30 -16.37 -15.65
N ASP C 229 -32.41 -15.48 -16.06
CA ASP C 229 -31.83 -15.55 -17.42
C ASP C 229 -30.63 -16.50 -17.33
N VAL C 230 -30.95 -17.79 -17.27
CA VAL C 230 -30.01 -18.87 -17.01
C VAL C 230 -30.28 -20.07 -17.92
N LYS C 231 -29.20 -20.79 -18.24
CA LYS C 231 -29.29 -22.00 -19.07
C LYS C 231 -28.28 -23.05 -18.61
N ALA C 232 -28.74 -24.26 -18.30
CA ALA C 232 -27.83 -25.33 -17.90
C ALA C 232 -27.09 -25.82 -19.15
N THR C 233 -25.89 -25.27 -19.34
CA THR C 233 -25.02 -25.61 -20.47
C THR C 233 -24.00 -26.72 -20.14
N ASN C 234 -24.23 -27.42 -19.04
CA ASN C 234 -23.42 -28.58 -18.63
C ASN C 234 -24.14 -29.24 -17.44
N VAL C 235 -23.77 -30.48 -17.13
CA VAL C 235 -24.45 -31.21 -16.05
C VAL C 235 -24.30 -30.55 -14.68
N LYS C 236 -23.18 -29.88 -14.45
CA LYS C 236 -22.94 -29.22 -13.16
C LYS C 236 -23.89 -28.05 -12.91
N LEU C 237 -24.53 -27.53 -13.95
CA LEU C 237 -25.46 -26.41 -13.83
C LEU C 237 -26.92 -26.85 -13.81
N VAL C 238 -27.18 -28.15 -14.01
CA VAL C 238 -28.55 -28.66 -14.02
C VAL C 238 -29.26 -28.46 -12.69
N ASP C 239 -28.57 -28.71 -11.58
CA ASP C 239 -29.19 -28.52 -10.25
C ASP C 239 -29.55 -27.05 -10.02
N ARG C 240 -28.68 -26.13 -10.43
CA ARG C 240 -28.98 -24.72 -10.31
C ARG C 240 -30.24 -24.33 -11.09
N ALA C 241 -30.29 -24.73 -12.36
CA ALA C 241 -31.44 -24.42 -13.19
C ALA C 241 -32.72 -25.01 -12.58
N CYS C 242 -32.66 -26.27 -12.16
N CYS C 242 -32.61 -26.25 -12.15
CA CYS C 242 -33.83 -26.94 -11.56
CA CYS C 242 -33.74 -26.94 -11.58
C CYS C 242 -34.26 -26.23 -10.28
C CYS C 242 -34.23 -26.27 -10.29
N ARG C 243 -33.30 -25.87 -9.44
CA ARG C 243 -33.63 -25.20 -8.17
C ARG C 243 -34.38 -23.89 -8.41
N ILE C 244 -33.93 -23.12 -9.39
CA ILE C 244 -34.56 -21.82 -9.69
C ILE C 244 -35.97 -22.04 -10.19
N VAL C 245 -36.15 -23.00 -11.10
CA VAL C 245 -37.51 -23.28 -11.58
C VAL C 245 -38.47 -23.72 -10.45
N VAL C 246 -38.01 -24.67 -9.61
CA VAL C 246 -38.80 -25.15 -8.48
C VAL C 246 -39.13 -23.99 -7.54
N GLU C 247 -38.16 -23.16 -7.21
CA GLU C 247 -38.42 -22.02 -6.30
C GLU C 247 -39.43 -21.04 -6.90
N ALA C 248 -39.25 -20.68 -8.15
CA ALA C 248 -40.14 -19.72 -8.78
C ALA C 248 -41.57 -20.20 -8.87
N THR C 249 -41.74 -21.51 -9.08
CA THR C 249 -43.09 -22.05 -9.41
C THR C 249 -43.79 -22.84 -8.33
N GLY C 250 -43.02 -23.36 -7.38
CA GLY C 250 -43.57 -24.24 -6.36
C GLY C 250 -43.89 -25.64 -6.92
N ALA C 251 -43.43 -25.91 -8.14
CA ALA C 251 -43.65 -27.19 -8.78
C ALA C 251 -42.67 -28.24 -8.24
N SER C 252 -42.92 -29.50 -8.59
CA SER C 252 -42.03 -30.56 -8.17
C SER C 252 -40.77 -30.58 -9.03
N ARG C 253 -39.73 -31.23 -8.51
N ARG C 253 -39.74 -31.24 -8.52
CA ARG C 253 -38.48 -31.37 -9.25
CA ARG C 253 -38.50 -31.34 -9.25
C ARG C 253 -38.73 -32.09 -10.56
C ARG C 253 -38.72 -32.10 -10.56
N VAL C 254 -39.62 -33.09 -10.52
CA VAL C 254 -39.99 -33.85 -11.71
C VAL C 254 -40.57 -32.89 -12.78
N GLU C 255 -41.50 -32.03 -12.37
CA GLU C 255 -42.12 -31.09 -13.32
C GLU C 255 -41.11 -30.08 -13.85
N ALA C 256 -40.21 -29.60 -12.99
CA ALA C 256 -39.20 -28.64 -13.43
C ALA C 256 -38.27 -29.25 -14.51
N GLU C 257 -37.82 -30.49 -14.30
N GLU C 257 -37.84 -30.49 -14.28
CA GLU C 257 -36.93 -31.12 -15.27
CA GLU C 257 -36.98 -31.21 -15.21
C GLU C 257 -37.65 -31.43 -16.60
C GLU C 257 -37.66 -31.39 -16.57
N ASN C 258 -38.94 -31.77 -16.54
CA ASN C 258 -39.73 -31.97 -17.75
C ASN C 258 -39.79 -30.70 -18.61
N ALA C 259 -40.02 -29.57 -17.95
CA ALA C 259 -40.07 -28.30 -18.64
C ALA C 259 -38.69 -27.96 -19.21
N LEU C 260 -37.67 -28.02 -18.36
CA LEU C 260 -36.30 -27.70 -18.77
C LEU C 260 -35.79 -28.58 -19.94
N SER C 261 -36.18 -29.85 -19.95
CA SER C 261 -35.81 -30.77 -21.03
C SER C 261 -36.24 -30.27 -22.41
N GLN C 262 -37.37 -29.56 -22.44
CA GLN C 262 -37.96 -29.03 -23.67
C GLN C 262 -37.48 -27.65 -24.07
N THR C 263 -36.88 -26.92 -23.13
CA THR C 263 -36.38 -25.58 -23.41
C THR C 263 -34.85 -25.58 -23.52
N GLU C 264 -34.22 -26.75 -23.70
CA GLU C 264 -32.74 -26.85 -23.75
C GLU C 264 -32.16 -26.36 -22.41
N PHE C 265 -32.89 -26.67 -21.35
CA PHE C 265 -32.54 -26.27 -19.99
C PHE C 265 -32.43 -24.77 -19.78
N GLU C 266 -33.23 -24.00 -20.54
CA GLU C 266 -33.36 -22.53 -20.38
C GLU C 266 -34.44 -22.27 -19.31
N VAL C 267 -34.07 -21.59 -18.24
CA VAL C 267 -34.96 -21.35 -17.11
C VAL C 267 -36.20 -20.50 -17.38
N LYS C 268 -36.04 -19.39 -18.08
CA LYS C 268 -37.16 -18.43 -18.26
C LYS C 268 -38.35 -19.04 -18.98
N PRO C 269 -38.13 -19.66 -20.15
CA PRO C 269 -39.28 -20.33 -20.81
C PRO C 269 -39.86 -21.51 -20.00
N ALA C 270 -39.02 -22.22 -19.24
CA ALA C 270 -39.47 -23.33 -18.41
C ALA C 270 -40.40 -22.81 -17.33
N ILE C 271 -40.04 -21.69 -16.72
CA ILE C 271 -40.91 -21.09 -15.70
C ILE C 271 -42.26 -20.71 -16.31
N LEU C 272 -42.22 -20.10 -17.49
CA LEU C 272 -43.48 -19.66 -18.11
C LEU C 272 -44.38 -20.86 -18.48
N MET C 273 -43.80 -21.95 -18.97
CA MET C 273 -44.57 -23.15 -19.28
C MET C 273 -45.37 -23.59 -18.05
N ILE C 274 -44.71 -23.63 -16.91
CA ILE C 274 -45.33 -24.09 -15.68
C ILE C 274 -46.33 -23.07 -15.14
N LEU C 275 -45.95 -21.80 -15.05
CA LEU C 275 -46.86 -20.78 -14.53
C LEU C 275 -48.12 -20.58 -15.35
N LYS C 276 -47.99 -20.69 -16.65
CA LYS C 276 -49.11 -20.41 -17.55
C LYS C 276 -49.84 -21.68 -17.98
N GLY C 277 -49.17 -22.84 -17.81
CA GLY C 277 -49.74 -24.12 -18.21
C GLY C 277 -49.78 -24.25 -19.72
N VAL C 278 -48.66 -23.91 -20.38
CA VAL C 278 -48.57 -23.93 -21.84
C VAL C 278 -47.38 -24.73 -22.33
N SER C 279 -47.43 -25.07 -23.62
CA SER C 279 -46.35 -25.80 -24.26
C SER C 279 -45.12 -24.91 -24.43
N VAL C 280 -44.00 -25.54 -24.75
CA VAL C 280 -42.77 -24.80 -24.99
C VAL C 280 -42.92 -23.83 -26.16
N GLU C 281 -43.62 -24.25 -27.23
CA GLU C 281 -43.79 -23.38 -28.39
C GLU C 281 -44.50 -22.09 -28.01
N GLN C 282 -45.62 -22.21 -27.29
CA GLN C 282 -46.36 -21.02 -26.88
C GLN C 282 -45.54 -20.18 -25.90
N ALA C 283 -44.81 -20.83 -24.98
CA ALA C 283 -44.00 -20.10 -24.02
C ALA C 283 -42.99 -19.21 -24.73
N ARG C 284 -42.30 -19.79 -25.71
CA ARG C 284 -41.31 -19.04 -26.49
C ARG C 284 -41.96 -17.93 -27.30
N LEU C 285 -43.12 -18.23 -27.88
CA LEU C 285 -43.86 -17.25 -28.67
C LEU C 285 -44.30 -16.08 -27.79
N ASN C 286 -44.91 -16.40 -26.65
CA ASN C 286 -45.39 -15.35 -25.72
C ASN C 286 -44.25 -14.49 -25.20
N LEU C 287 -43.09 -15.10 -24.93
CA LEU C 287 -41.92 -14.34 -24.47
C LEU C 287 -41.36 -13.45 -25.58
N GLN C 288 -41.38 -13.93 -26.82
CA GLN C 288 -40.92 -13.12 -27.94
C GLN C 288 -41.84 -11.92 -28.07
N GLN C 289 -43.14 -12.20 -28.08
CA GLN C 289 -44.18 -11.17 -28.18
C GLN C 289 -44.10 -10.11 -27.10
N HIS C 290 -43.58 -10.46 -25.93
CA HIS C 290 -43.48 -9.50 -24.84
C HIS C 290 -42.04 -9.19 -24.40
N ASN C 291 -41.09 -9.36 -25.33
CA ASN C 291 -39.67 -9.02 -25.10
C ASN C 291 -38.92 -9.66 -23.93
N GLY C 292 -39.23 -10.91 -23.62
CA GLY C 292 -38.54 -11.61 -22.53
C GLY C 292 -38.97 -11.24 -21.12
N TYR C 293 -40.07 -10.50 -20.97
CA TYR C 293 -40.58 -10.13 -19.65
C TYR C 293 -41.58 -11.15 -19.23
N LEU C 294 -41.23 -12.00 -18.27
CA LEU C 294 -42.15 -13.03 -17.81
C LEU C 294 -43.47 -12.46 -17.37
N ARG C 295 -43.45 -11.39 -16.59
CA ARG C 295 -44.70 -10.83 -16.10
C ARG C 295 -45.62 -10.37 -17.21
N ALA C 296 -45.05 -9.81 -18.28
CA ALA C 296 -45.85 -9.32 -19.39
C ALA C 296 -46.42 -10.48 -20.22
N ALA C 297 -45.73 -11.62 -20.17
CA ALA C 297 -46.15 -12.80 -20.93
C ALA C 297 -47.18 -13.68 -20.23
N LEU C 298 -47.37 -13.47 -18.94
N LEU C 298 -47.53 -13.33 -19.00
CA LEU C 298 -48.28 -14.33 -18.18
CA LEU C 298 -48.57 -14.03 -18.25
C LEU C 298 -49.74 -14.07 -18.51
C LEU C 298 -49.94 -13.47 -18.59
S SO4 D . 47.38 4.82 11.68
O1 SO4 D . 47.74 5.37 10.37
O2 SO4 D . 47.58 5.79 12.77
O3 SO4 D . 45.95 4.41 11.71
O4 SO4 D . 48.16 3.56 11.91
S SO4 E . 23.74 7.06 -11.28
O1 SO4 E . 22.87 8.08 -11.90
O2 SO4 E . 24.07 7.43 -9.89
O3 SO4 E . 23.01 5.78 -11.28
O4 SO4 E . 24.98 6.94 -12.06
S SO4 F . 55.05 13.06 14.51
O1 SO4 F . 55.06 14.52 14.80
O2 SO4 F . 56.11 12.40 15.30
O3 SO4 F . 53.74 12.49 14.94
O4 SO4 F . 55.29 12.84 13.05
S SO4 G . 10.47 15.36 -8.51
O1 SO4 G . 10.42 16.22 -9.70
O2 SO4 G . 11.05 16.12 -7.38
O3 SO4 G . 9.11 14.93 -8.13
O4 SO4 G . 11.30 14.18 -8.81
S SO4 H . -17.60 -15.97 -1.55
O1 SO4 H . -17.53 -14.54 -1.05
O2 SO4 H . -16.21 -16.40 -1.87
O3 SO4 H . -18.19 -16.82 -0.50
O4 SO4 H . -18.47 -16.00 -2.75
S SO4 I . -1.36 6.04 -4.97
O1 SO4 I . -1.86 7.07 -4.03
O2 SO4 I . -0.55 5.06 -4.23
O3 SO4 I . -2.52 5.38 -5.60
O4 SO4 I . -0.51 6.71 -6.00
S SO4 J . -25.28 -23.26 -7.43
O1 SO4 J . -26.04 -22.01 -7.68
O2 SO4 J . -24.74 -23.22 -6.06
O3 SO4 J . -26.16 -24.44 -7.57
O4 SO4 J . -24.18 -23.37 -8.42
S SO4 K . -28.27 -10.06 -22.38
O1 SO4 K . -27.25 -8.99 -22.60
O2 SO4 K . -27.77 -11.07 -21.45
O3 SO4 K . -29.50 -9.43 -21.86
O4 SO4 K . -28.57 -10.69 -23.68
S SO4 L . -46.40 -5.28 -23.56
O1 SO4 L . -46.40 -4.65 -22.22
O2 SO4 L . -45.44 -6.41 -23.57
O3 SO4 L . -47.76 -5.79 -23.86
O4 SO4 L . -46.01 -4.29 -24.59
C1 PEG M . -5.87 5.12 25.16
O1 PEG M . -6.87 4.12 25.28
C2 PEG M . -5.16 4.98 23.82
O2 PEG M . -4.23 6.05 23.64
C3 PEG M . -2.92 5.77 24.16
C4 PEG M . -2.16 4.85 23.22
O4 PEG M . -0.75 5.07 23.33
#